data_3P9Y
#
_entry.id   3P9Y
#
_cell.length_a   157.459
_cell.length_b   157.459
_cell.length_c   118.802
_cell.angle_alpha   90.00
_cell.angle_beta   90.00
_cell.angle_gamma   120.00
#
_symmetry.space_group_name_H-M   'H 3'
#
loop_
_entity.id
_entity.type
_entity.pdbx_description
1 polymer CG14216
2 polymer 'pSer5 CTD peptide'
3 non-polymer IMIDAZOLE
4 non-polymer 'TETRAETHYLENE GLYCOL'
5 water water
#
loop_
_entity_poly.entity_id
_entity_poly.type
_entity_poly.pdbx_seq_one_letter_code
_entity_poly.pdbx_strand_id
1 'polypeptide(L)'
;GSHMTDPSKLAVAVVDSSNMNRSMEAHNFLAKKGFNVRSYGTGERVKLPGMAFDKPNVYEFGTKYEDIYRDLESKDKEFY
TQNGLLHMLDRNRRIKKCPERFQDTKEQFDIIVTVEERVYDLVVMHMESMESVDNRPVHVLNVDVVNNAEDALMGAFVIT
DMINMMAKSTDLDNDIDELIQEFEERRKRVILHSVLFY
;
A,B,C,D
2 'polypeptide(L)' (N7P)T(SEP)PSY(SET) E,F,G,H
#
# COMPACT_ATOMS: atom_id res chain seq x y z
N GLY A 1 -12.61 -37.90 -2.78
CA GLY A 1 -14.07 -37.56 -2.67
C GLY A 1 -14.56 -36.75 -3.85
N SER A 2 -15.82 -36.32 -3.77
CA SER A 2 -16.44 -35.54 -4.83
C SER A 2 -16.10 -34.06 -4.70
N HIS A 3 -15.62 -33.66 -3.53
CA HIS A 3 -15.31 -32.25 -3.28
C HIS A 3 -14.03 -32.11 -2.47
N MET A 4 -13.39 -30.95 -2.59
CA MET A 4 -12.27 -30.63 -1.72
C MET A 4 -12.77 -30.59 -0.28
N THR A 5 -11.86 -30.81 0.66
CA THR A 5 -12.20 -30.97 2.07
C THR A 5 -11.21 -30.23 2.96
N ASP A 6 -11.74 -29.45 3.91
CA ASP A 6 -10.93 -28.78 4.92
C ASP A 6 -10.61 -29.74 6.05
N PRO A 7 -9.32 -30.10 6.21
CA PRO A 7 -8.92 -31.10 7.22
C PRO A 7 -9.09 -30.59 8.65
N SER A 8 -9.16 -29.28 8.83
CA SER A 8 -9.33 -28.68 10.15
C SER A 8 -10.80 -28.45 10.47
N LYS A 9 -11.65 -28.64 9.47
CA LYS A 9 -13.09 -28.40 9.62
C LYS A 9 -13.38 -27.07 10.30
N LEU A 10 -12.59 -26.05 9.97
CA LEU A 10 -12.83 -24.69 10.46
C LEU A 10 -14.24 -24.22 10.12
N ALA A 11 -14.87 -23.55 11.06
CA ALA A 11 -16.10 -22.80 10.79
C ALA A 11 -15.71 -21.36 10.54
N VAL A 12 -15.93 -20.89 9.32
CA VAL A 12 -15.46 -19.58 8.89
C VAL A 12 -16.63 -18.64 8.60
N ALA A 13 -16.46 -17.37 8.92
CA ALA A 13 -17.39 -16.35 8.47
C ALA A 13 -16.60 -15.26 7.76
N VAL A 14 -17.22 -14.66 6.74
CA VAL A 14 -16.66 -13.50 6.08
C VAL A 14 -17.67 -12.38 6.20
N VAL A 15 -17.20 -11.19 6.54
CA VAL A 15 -18.08 -10.10 6.94
C VAL A 15 -17.68 -8.80 6.23
N ASP A 16 -18.68 -8.11 5.68
CA ASP A 16 -18.47 -6.80 5.08
C ASP A 16 -19.55 -5.86 5.63
N SER A 17 -19.98 -4.90 4.84
CA SER A 17 -20.99 -3.95 5.33
C SER A 17 -22.42 -4.39 5.00
N SER A 18 -22.72 -4.63 3.72
CA SER A 18 -24.09 -4.88 3.30
C SER A 18 -24.36 -6.34 2.97
N ASN A 19 -23.34 -7.18 3.09
CA ASN A 19 -23.42 -8.60 2.75
C ASN A 19 -23.90 -8.77 1.32
N MET A 20 -23.32 -7.97 0.42
CA MET A 20 -23.73 -7.91 -0.97
C MET A 20 -22.60 -8.26 -1.93
N ASN A 21 -21.48 -7.57 -1.82
CA ASN A 21 -20.39 -7.71 -2.78
C ASN A 21 -19.23 -8.53 -2.23
N ARG A 22 -18.41 -7.90 -1.40
CA ARG A 22 -17.14 -8.50 -0.97
C ARG A 22 -17.30 -9.80 -0.19
N SER A 23 -18.23 -9.85 0.76
CA SER A 23 -18.40 -11.05 1.57
C SER A 23 -18.98 -12.18 0.75
N MET A 24 -19.79 -11.86 -0.26
CA MET A 24 -20.45 -12.88 -1.06
C MET A 24 -19.52 -13.48 -2.10
N GLU A 25 -18.63 -12.66 -2.64
CA GLU A 25 -17.60 -13.15 -3.54
C GLU A 25 -16.71 -14.14 -2.79
N ALA A 26 -16.31 -13.75 -1.57
CA ALA A 26 -15.51 -14.62 -0.71
C ALA A 26 -16.29 -15.86 -0.29
N HIS A 27 -17.58 -15.68 -0.02
CA HIS A 27 -18.42 -16.80 0.38
C HIS A 27 -18.38 -17.85 -0.71
N ASN A 28 -18.61 -17.42 -1.95
CA ASN A 28 -18.71 -18.32 -3.08
C ASN A 28 -17.41 -19.07 -3.31
N PHE A 29 -16.30 -18.35 -3.28
CA PHE A 29 -15.01 -18.95 -3.54
C PHE A 29 -14.65 -19.95 -2.44
N LEU A 30 -14.74 -19.52 -1.19
CA LEU A 30 -14.44 -20.38 -0.05
C LEU A 30 -15.26 -21.67 -0.09
N ALA A 31 -16.55 -21.55 -0.39
CA ALA A 31 -17.44 -22.71 -0.43
C ALA A 31 -17.03 -23.68 -1.53
N LYS A 32 -16.65 -23.15 -2.69
CA LYS A 32 -16.19 -23.98 -3.81
C LYS A 32 -14.88 -24.69 -3.49
N LYS A 33 -14.07 -24.11 -2.61
CA LYS A 33 -12.83 -24.75 -2.18
C LYS A 33 -13.05 -25.65 -0.96
N GLY A 34 -14.31 -25.88 -0.60
CA GLY A 34 -14.65 -26.91 0.37
C GLY A 34 -14.76 -26.47 1.82
N PHE A 35 -14.74 -25.17 2.07
CA PHE A 35 -14.81 -24.66 3.43
C PHE A 35 -16.25 -24.48 3.92
N ASN A 36 -16.42 -24.65 5.24
CA ASN A 36 -17.66 -24.33 5.92
C ASN A 36 -17.70 -22.83 6.17
N VAL A 37 -18.43 -22.10 5.33
CA VAL A 37 -18.39 -20.64 5.39
C VAL A 37 -19.79 -20.03 5.44
N ARG A 38 -19.92 -18.96 6.23
CA ARG A 38 -21.13 -18.15 6.28
C ARG A 38 -20.72 -16.70 6.11
N SER A 39 -21.65 -15.85 5.68
CA SER A 39 -21.32 -14.45 5.42
C SER A 39 -22.32 -13.50 6.06
N TYR A 40 -21.86 -12.30 6.38
CA TYR A 40 -22.69 -11.28 7.03
C TYR A 40 -22.23 -9.88 6.65
N GLY A 41 -23.08 -8.90 6.94
CA GLY A 41 -22.72 -7.49 6.83
C GLY A 41 -22.86 -6.88 8.21
N THR A 42 -22.28 -5.69 8.42
CA THR A 42 -22.31 -5.06 9.73
C THR A 42 -23.11 -3.76 9.73
N GLY A 43 -23.47 -3.27 8.55
CA GLY A 43 -24.24 -2.04 8.44
C GLY A 43 -25.61 -2.15 9.09
N GLU A 44 -26.24 -1.01 9.29
CA GLU A 44 -27.60 -0.99 9.84
C GLU A 44 -28.57 -1.47 8.76
N ARG A 45 -28.23 -1.19 7.50
CA ARG A 45 -29.07 -1.57 6.37
C ARG A 45 -28.23 -1.97 5.17
N VAL A 46 -28.85 -2.72 4.26
CA VAL A 46 -28.23 -3.08 3.00
C VAL A 46 -28.26 -1.90 2.03
N LYS A 47 -27.11 -1.56 1.46
CA LYS A 47 -27.01 -0.38 0.62
C LYS A 47 -26.31 -0.67 -0.71
N LEU A 48 -27.05 -0.52 -1.79
CA LEU A 48 -26.49 -0.65 -3.13
C LEU A 48 -26.46 0.70 -3.83
N PRO A 49 -25.51 0.90 -4.75
CA PRO A 49 -25.42 2.17 -5.48
C PRO A 49 -26.63 2.36 -6.39
N GLY A 50 -26.92 3.60 -6.75
CA GLY A 50 -28.08 3.92 -7.58
C GLY A 50 -27.67 4.69 -8.82
N MET A 51 -28.58 5.51 -9.33
CA MET A 51 -28.31 6.28 -10.54
C MET A 51 -27.64 7.60 -10.21
N ALA A 52 -27.68 7.99 -8.94
CA ALA A 52 -26.95 9.15 -8.45
C ALA A 52 -26.29 8.80 -7.13
N PHE A 53 -25.17 9.43 -6.83
CA PHE A 53 -24.44 9.11 -5.60
C PHE A 53 -25.31 9.29 -4.36
N ASP A 54 -26.10 10.36 -4.34
CA ASP A 54 -26.93 10.66 -3.17
C ASP A 54 -28.26 9.92 -3.19
N LYS A 55 -28.39 8.96 -4.11
CA LYS A 55 -29.65 8.22 -4.26
C LYS A 55 -29.41 6.70 -4.24
N PRO A 56 -28.98 6.17 -3.08
CA PRO A 56 -28.71 4.74 -2.98
C PRO A 56 -30.00 3.94 -2.87
N ASN A 57 -29.96 2.67 -3.30
CA ASN A 57 -31.05 1.75 -3.06
C ASN A 57 -30.84 1.05 -1.72
N VAL A 58 -31.68 1.36 -0.74
CA VAL A 58 -31.48 0.89 0.62
C VAL A 58 -32.60 -0.06 1.04
N TYR A 59 -32.21 -1.19 1.64
CA TYR A 59 -33.16 -2.19 2.09
C TYR A 59 -32.79 -2.66 3.48
N GLU A 60 -33.73 -3.33 4.14
CA GLU A 60 -33.48 -3.88 5.46
C GLU A 60 -32.82 -5.24 5.29
N PHE A 61 -32.00 -5.64 6.27
CA PHE A 61 -31.48 -6.98 6.26
C PHE A 61 -32.66 -7.93 6.39
N GLY A 62 -32.61 -9.04 5.66
CA GLY A 62 -33.73 -9.95 5.62
C GLY A 62 -34.51 -9.87 4.32
N THR A 63 -34.38 -8.75 3.61
CA THR A 63 -34.97 -8.61 2.27
C THR A 63 -34.28 -9.62 1.35
N LYS A 64 -35.07 -10.52 0.76
CA LYS A 64 -34.52 -11.51 -0.16
C LYS A 64 -33.75 -10.85 -1.30
N TYR A 65 -32.64 -11.44 -1.69
CA TYR A 65 -31.88 -10.96 -2.84
C TYR A 65 -32.78 -10.93 -4.07
N GLU A 66 -33.67 -11.91 -4.15
CA GLU A 66 -34.57 -12.03 -5.30
C GLU A 66 -35.50 -10.83 -5.40
N ASP A 67 -35.97 -10.33 -4.25
CA ASP A 67 -36.86 -9.20 -4.23
C ASP A 67 -36.14 -7.90 -4.55
N ILE A 68 -34.90 -7.77 -4.09
CA ILE A 68 -34.09 -6.61 -4.42
C ILE A 68 -33.82 -6.61 -5.91
N TYR A 69 -33.59 -7.80 -6.46
CA TYR A 69 -33.37 -7.98 -7.89
C TYR A 69 -34.57 -7.49 -8.70
N ARG A 70 -35.76 -7.93 -8.32
CA ARG A 70 -36.98 -7.53 -8.99
C ARG A 70 -37.16 -6.03 -8.89
N ASP A 71 -36.84 -5.48 -7.72
CA ASP A 71 -37.00 -4.05 -7.46
C ASP A 71 -36.19 -3.21 -8.44
N LEU A 72 -34.92 -3.58 -8.63
CA LEU A 72 -34.03 -2.81 -9.49
C LEU A 72 -34.35 -3.06 -10.96
N GLU A 73 -34.87 -4.24 -11.25
CA GLU A 73 -35.18 -4.62 -12.62
C GLU A 73 -36.32 -3.75 -13.16
N SER A 74 -37.34 -3.55 -12.33
CA SER A 74 -38.49 -2.74 -12.72
C SER A 74 -38.12 -1.27 -12.73
N LYS A 75 -37.21 -0.87 -11.84
CA LYS A 75 -36.73 0.51 -11.81
C LYS A 75 -36.11 0.87 -13.15
N ASP A 76 -35.12 0.08 -13.56
CA ASP A 76 -34.41 0.31 -14.81
C ASP A 76 -33.50 -0.88 -15.09
N LYS A 77 -34.07 -1.92 -15.70
CA LYS A 77 -33.37 -3.17 -15.94
C LYS A 77 -32.02 -2.97 -16.62
N GLU A 78 -31.99 -2.12 -17.65
CA GLU A 78 -30.80 -1.93 -18.45
C GLU A 78 -29.66 -1.30 -17.65
N PHE A 79 -30.01 -0.32 -16.80
CA PHE A 79 -29.01 0.39 -16.02
C PHE A 79 -28.38 -0.53 -14.99
N TYR A 80 -29.20 -1.33 -14.33
CA TYR A 80 -28.70 -2.22 -13.29
C TYR A 80 -28.10 -3.50 -13.86
N THR A 81 -28.20 -3.66 -15.17
CA THR A 81 -27.50 -4.75 -15.84
C THR A 81 -26.09 -4.31 -16.18
N GLN A 82 -25.97 -3.12 -16.74
CA GLN A 82 -24.68 -2.62 -17.22
C GLN A 82 -23.72 -2.30 -16.08
N ASN A 83 -24.26 -1.89 -14.93
CA ASN A 83 -23.42 -1.57 -13.79
C ASN A 83 -23.14 -2.80 -12.93
N GLY A 84 -23.80 -3.92 -13.24
CA GLY A 84 -23.45 -5.20 -12.66
C GLY A 84 -24.27 -5.68 -11.47
N LEU A 85 -25.21 -4.86 -10.99
CA LEU A 85 -25.95 -5.19 -9.77
C LEU A 85 -26.86 -6.40 -9.92
N LEU A 86 -27.49 -6.57 -11.08
CA LEU A 86 -28.40 -7.68 -11.27
C LEU A 86 -27.64 -9.01 -11.27
N HIS A 87 -26.46 -9.03 -11.87
CA HIS A 87 -25.64 -10.24 -11.84
C HIS A 87 -25.18 -10.53 -10.42
N MET A 88 -24.75 -9.49 -9.71
CA MET A 88 -24.34 -9.65 -8.32
C MET A 88 -25.46 -10.25 -7.50
N LEU A 89 -26.66 -9.71 -7.67
CA LEU A 89 -27.81 -10.16 -6.89
C LEU A 89 -28.19 -11.59 -7.27
N ASP A 90 -28.00 -11.93 -8.54
CA ASP A 90 -28.31 -13.27 -9.02
C ASP A 90 -27.34 -14.28 -8.42
N ARG A 91 -26.06 -13.93 -8.40
CA ARG A 91 -25.04 -14.78 -7.81
C ARG A 91 -25.36 -15.00 -6.32
N ASN A 92 -25.78 -13.93 -5.64
CA ASN A 92 -26.10 -14.00 -4.22
C ASN A 92 -27.30 -14.92 -3.96
N ARG A 93 -28.32 -14.80 -4.79
CA ARG A 93 -29.54 -15.58 -4.64
C ARG A 93 -29.22 -17.07 -4.65
N ARG A 94 -28.29 -17.46 -5.52
CA ARG A 94 -27.92 -18.86 -5.66
C ARG A 94 -27.19 -19.38 -4.44
N ILE A 95 -26.60 -18.48 -3.67
CA ILE A 95 -25.90 -18.88 -2.45
C ILE A 95 -26.85 -18.97 -1.26
N LYS A 96 -27.68 -17.96 -1.07
CA LYS A 96 -28.61 -17.97 0.05
C LYS A 96 -29.76 -17.01 -0.16
N LYS A 97 -30.76 -17.14 0.70
CA LYS A 97 -32.02 -16.43 0.60
C LYS A 97 -31.84 -14.92 0.69
N CYS A 98 -31.11 -14.45 1.68
CA CYS A 98 -31.08 -13.03 1.97
C CYS A 98 -29.83 -12.56 2.72
N PRO A 99 -29.52 -11.27 2.63
CA PRO A 99 -28.45 -10.66 3.44
C PRO A 99 -28.72 -10.82 4.94
N GLU A 100 -27.67 -11.12 5.71
CA GLU A 100 -27.79 -11.29 7.15
C GLU A 100 -26.84 -10.33 7.87
N ARG A 101 -27.25 -9.87 9.04
CA ARG A 101 -26.45 -8.95 9.83
C ARG A 101 -25.67 -9.75 10.87
N PHE A 102 -24.38 -9.47 10.98
CA PHE A 102 -23.51 -10.23 11.88
C PHE A 102 -23.94 -10.06 13.33
N GLN A 103 -24.37 -8.85 13.69
CA GLN A 103 -24.67 -8.53 15.08
C GLN A 103 -25.92 -9.27 15.56
N ASP A 104 -26.66 -9.87 14.63
CA ASP A 104 -27.89 -10.59 14.97
C ASP A 104 -27.77 -12.10 14.86
N THR A 105 -26.60 -12.60 14.48
CA THR A 105 -26.44 -14.04 14.31
C THR A 105 -26.07 -14.72 15.63
N LYS A 106 -26.49 -15.97 15.77
CA LYS A 106 -26.17 -16.77 16.94
C LYS A 106 -25.13 -17.84 16.59
N GLU A 107 -24.74 -17.91 15.32
CA GLU A 107 -23.71 -18.85 14.90
C GLU A 107 -22.37 -18.48 15.52
N GLN A 108 -21.52 -19.48 15.74
CA GLN A 108 -20.17 -19.25 16.24
C GLN A 108 -19.13 -19.72 15.24
N PHE A 109 -17.94 -19.15 15.30
CA PHE A 109 -16.92 -19.43 14.30
C PHE A 109 -15.53 -19.56 14.92
N ASP A 110 -14.65 -20.26 14.21
CA ASP A 110 -13.25 -20.34 14.58
C ASP A 110 -12.48 -19.15 14.00
N ILE A 111 -12.90 -18.70 12.81
CA ILE A 111 -12.26 -17.57 12.15
C ILE A 111 -13.30 -16.65 11.53
N ILE A 112 -13.16 -15.35 11.79
CA ILE A 112 -14.02 -14.36 11.17
C ILE A 112 -13.15 -13.40 10.38
N VAL A 113 -13.33 -13.36 9.06
CA VAL A 113 -12.57 -12.45 8.22
C VAL A 113 -13.43 -11.22 7.93
N THR A 114 -12.87 -10.03 8.14
CA THR A 114 -13.54 -8.78 7.75
C THR A 114 -12.77 -8.16 6.60
N VAL A 115 -13.43 -7.28 5.85
CA VAL A 115 -12.87 -6.79 4.59
C VAL A 115 -12.53 -5.30 4.63
N GLU A 116 -12.64 -4.69 5.81
CA GLU A 116 -12.15 -3.33 6.03
C GLU A 116 -12.22 -3.00 7.51
N GLU A 117 -11.38 -2.07 7.96
CA GLU A 117 -11.20 -1.85 9.39
C GLU A 117 -12.49 -1.40 10.07
N ARG A 118 -13.34 -0.67 9.36
CA ARG A 118 -14.60 -0.25 9.96
C ARG A 118 -15.45 -1.46 10.31
N VAL A 119 -15.45 -2.46 9.44
CA VAL A 119 -16.22 -3.68 9.70
C VAL A 119 -15.54 -4.49 10.80
N TYR A 120 -14.22 -4.59 10.71
CA TYR A 120 -13.40 -5.21 11.75
C TYR A 120 -13.78 -4.68 13.13
N ASP A 121 -13.84 -3.36 13.27
CA ASP A 121 -14.14 -2.73 14.55
C ASP A 121 -15.54 -3.06 15.05
N LEU A 122 -16.52 -3.06 14.13
CA LEU A 122 -17.89 -3.35 14.52
C LEU A 122 -18.00 -4.80 14.98
N VAL A 123 -17.31 -5.69 14.28
CA VAL A 123 -17.30 -7.10 14.64
C VAL A 123 -16.68 -7.28 16.02
N VAL A 124 -15.54 -6.65 16.25
CA VAL A 124 -14.81 -6.81 17.51
C VAL A 124 -15.61 -6.19 18.65
N MET A 125 -16.18 -5.01 18.40
CA MET A 125 -16.99 -4.33 19.41
C MET A 125 -18.16 -5.22 19.79
N HIS A 126 -18.80 -5.80 18.80
CA HIS A 126 -19.97 -6.64 19.05
C HIS A 126 -19.60 -7.88 19.86
N MET A 127 -18.47 -8.49 19.53
CA MET A 127 -18.01 -9.69 20.22
C MET A 127 -17.66 -9.37 21.66
N GLU A 128 -17.07 -8.21 21.90
CA GLU A 128 -16.65 -7.79 23.23
C GLU A 128 -17.85 -7.47 24.11
N SER A 129 -18.93 -6.99 23.51
CA SER A 129 -20.13 -6.62 24.24
C SER A 129 -20.82 -7.86 24.82
N MET A 130 -20.42 -9.02 24.34
CA MET A 130 -21.04 -10.27 24.73
C MET A 130 -20.22 -10.97 25.81
N GLU A 131 -20.86 -11.29 26.93
CA GLU A 131 -20.16 -11.98 28.00
C GLU A 131 -19.79 -13.38 27.54
N SER A 132 -18.50 -13.69 27.56
CA SER A 132 -18.04 -15.00 27.12
C SER A 132 -18.32 -16.04 28.20
N VAL A 133 -18.84 -17.18 27.79
CA VAL A 133 -19.30 -18.20 28.73
C VAL A 133 -18.86 -19.60 28.33
N ASP A 134 -17.91 -19.68 27.40
CA ASP A 134 -17.38 -20.96 26.95
C ASP A 134 -15.85 -20.92 26.87
N ASN A 135 -15.29 -19.72 26.80
CA ASN A 135 -13.86 -19.55 26.60
C ASN A 135 -13.38 -20.21 25.30
N ARG A 136 -14.28 -20.34 24.34
CA ARG A 136 -13.93 -20.83 23.01
C ARG A 136 -13.30 -19.68 22.21
N PRO A 137 -12.01 -19.81 21.87
CA PRO A 137 -11.34 -18.73 21.14
C PRO A 137 -11.86 -18.61 19.70
N VAL A 138 -11.96 -17.38 19.23
CA VAL A 138 -12.27 -17.10 17.83
C VAL A 138 -11.30 -16.03 17.34
N HIS A 139 -10.74 -16.24 16.15
CA HIS A 139 -9.78 -15.29 15.59
C HIS A 139 -10.43 -14.37 14.58
N VAL A 140 -10.44 -13.08 14.85
CA VAL A 140 -10.94 -12.11 13.89
C VAL A 140 -9.76 -11.56 13.09
N LEU A 141 -9.86 -11.64 11.77
CA LEU A 141 -8.78 -11.23 10.88
C LEU A 141 -9.31 -10.25 9.85
N ASN A 142 -8.66 -9.11 9.69
CA ASN A 142 -9.06 -8.14 8.68
C ASN A 142 -8.14 -8.17 7.50
N VAL A 143 -8.72 -8.32 6.31
CA VAL A 143 -7.99 -8.27 5.06
C VAL A 143 -8.71 -7.26 4.16
N ASP A 144 -8.06 -6.12 3.92
CA ASP A 144 -8.68 -5.06 3.14
C ASP A 144 -9.06 -5.50 1.74
N VAL A 145 -10.32 -5.30 1.39
CA VAL A 145 -10.83 -5.55 0.05
C VAL A 145 -11.50 -4.29 -0.48
N VAL A 146 -10.99 -3.76 -1.58
CA VAL A 146 -11.58 -2.58 -2.19
C VAL A 146 -12.98 -2.94 -2.70
N ASN A 147 -13.92 -2.03 -2.52
CA ASN A 147 -15.33 -2.34 -2.76
C ASN A 147 -15.80 -2.11 -4.19
N ASN A 148 -15.40 -3.00 -5.08
CA ASN A 148 -15.98 -3.09 -6.42
C ASN A 148 -15.91 -4.54 -6.89
N ALA A 149 -16.53 -4.85 -8.01
CA ALA A 149 -16.66 -6.23 -8.45
C ALA A 149 -15.31 -6.92 -8.68
N GLU A 150 -14.38 -6.22 -9.32
CA GLU A 150 -13.10 -6.83 -9.68
C GLU A 150 -12.25 -7.13 -8.44
N ASP A 151 -12.16 -6.15 -7.56
CA ASP A 151 -11.35 -6.30 -6.36
C ASP A 151 -12.00 -7.24 -5.36
N ALA A 152 -13.32 -7.38 -5.42
CA ALA A 152 -14.00 -8.34 -4.56
C ALA A 152 -13.56 -9.76 -4.91
N LEU A 153 -13.43 -10.04 -6.19
CA LEU A 153 -12.98 -11.35 -6.64
C LEU A 153 -11.52 -11.56 -6.23
N MET A 154 -10.69 -10.54 -6.41
CA MET A 154 -9.28 -10.61 -6.03
C MET A 154 -9.18 -10.87 -4.53
N GLY A 155 -10.03 -10.20 -3.76
CA GLY A 155 -10.07 -10.39 -2.32
C GLY A 155 -10.45 -11.81 -1.96
N ALA A 156 -11.33 -12.41 -2.75
CA ALA A 156 -11.78 -13.77 -2.47
C ALA A 156 -10.60 -14.73 -2.62
N PHE A 157 -9.79 -14.51 -3.65
CA PHE A 157 -8.59 -15.31 -3.85
C PHE A 157 -7.64 -15.15 -2.66
N VAL A 158 -7.44 -13.93 -2.21
CA VAL A 158 -6.46 -13.66 -1.16
C VAL A 158 -6.93 -14.22 0.18
N ILE A 159 -8.18 -13.97 0.50
CA ILE A 159 -8.76 -14.46 1.73
C ILE A 159 -8.71 -15.99 1.75
N THR A 160 -8.96 -16.60 0.60
CA THR A 160 -8.97 -18.05 0.52
C THR A 160 -7.57 -18.62 0.72
N ASP A 161 -6.56 -17.98 0.14
CA ASP A 161 -5.18 -18.37 0.38
C ASP A 161 -4.86 -18.32 1.86
N MET A 162 -5.35 -17.28 2.52
CA MET A 162 -5.09 -17.11 3.95
C MET A 162 -5.74 -18.23 4.76
N ILE A 163 -7.01 -18.53 4.47
CA ILE A 163 -7.74 -19.55 5.21
C ILE A 163 -7.13 -20.92 4.93
N ASN A 164 -6.77 -21.17 3.68
CA ASN A 164 -6.12 -22.42 3.31
C ASN A 164 -4.86 -22.65 4.15
N MET A 165 -4.07 -21.60 4.33
CA MET A 165 -2.84 -21.67 5.10
C MET A 165 -3.14 -22.06 6.56
N MET A 166 -4.13 -21.39 7.14
CA MET A 166 -4.47 -21.62 8.52
C MET A 166 -5.11 -22.98 8.75
N ALA A 167 -5.77 -23.49 7.72
CA ALA A 167 -6.43 -24.80 7.79
C ALA A 167 -5.41 -25.91 7.87
N LYS A 168 -4.21 -25.66 7.39
CA LYS A 168 -3.16 -26.67 7.40
C LYS A 168 -2.47 -26.78 8.76
N SER A 169 -2.80 -25.87 9.66
CA SER A 169 -2.24 -25.89 11.01
C SER A 169 -2.92 -26.93 11.89
N THR A 170 -2.13 -27.71 12.62
CA THR A 170 -2.67 -28.71 13.53
C THR A 170 -2.91 -28.15 14.93
N ASP A 171 -2.50 -26.90 15.15
CA ASP A 171 -2.83 -26.20 16.39
C ASP A 171 -2.86 -24.70 16.13
N LEU A 172 -3.96 -24.23 15.56
CA LEU A 172 -4.07 -22.88 15.05
C LEU A 172 -3.72 -21.82 16.11
N ASP A 173 -4.19 -22.02 17.33
CA ASP A 173 -4.02 -21.03 18.39
C ASP A 173 -2.55 -20.69 18.64
N ASN A 174 -1.68 -21.68 18.55
CA ASN A 174 -0.25 -21.47 18.81
C ASN A 174 0.56 -21.20 17.54
N ASP A 175 -0.05 -21.40 16.38
CA ASP A 175 0.62 -21.19 15.09
C ASP A 175 0.22 -19.87 14.44
N ILE A 176 -0.95 -19.36 14.78
CA ILE A 176 -1.58 -18.35 13.95
C ILE A 176 -0.79 -17.04 13.92
N ASP A 177 -0.22 -16.62 15.05
CA ASP A 177 0.54 -15.39 15.06
C ASP A 177 1.67 -15.45 14.04
N GLU A 178 2.42 -16.56 14.04
CA GLU A 178 3.54 -16.68 13.12
C GLU A 178 3.06 -16.79 11.68
N LEU A 179 1.94 -17.48 11.47
CA LEU A 179 1.40 -17.65 10.11
C LEU A 179 0.92 -16.31 9.55
N ILE A 180 0.33 -15.47 10.40
CA ILE A 180 -0.14 -14.17 9.97
C ILE A 180 1.05 -13.32 9.51
N GLN A 181 2.13 -13.33 10.28
CA GLN A 181 3.30 -12.54 9.92
C GLN A 181 3.92 -13.04 8.62
N GLU A 182 4.00 -14.37 8.45
CA GLU A 182 4.54 -14.95 7.23
C GLU A 182 3.71 -14.52 6.02
N PHE A 183 2.40 -14.55 6.17
CA PHE A 183 1.48 -14.14 5.12
C PHE A 183 1.69 -12.66 4.78
N GLU A 184 1.85 -11.83 5.82
CA GLU A 184 2.02 -10.40 5.64
C GLU A 184 3.30 -10.11 4.85
N GLU A 185 4.36 -10.82 5.17
CA GLU A 185 5.64 -10.61 4.53
C GLU A 185 5.64 -11.09 3.07
N ARG A 186 4.92 -12.17 2.81
CA ARG A 186 4.97 -12.79 1.48
C ARG A 186 4.00 -12.12 0.51
N ARG A 187 2.84 -11.71 1.03
CA ARG A 187 1.78 -11.17 0.20
C ARG A 187 1.74 -9.63 0.29
N LYS A 188 2.57 -9.08 1.16
CA LYS A 188 2.70 -7.63 1.32
C LYS A 188 1.38 -6.96 1.66
N ARG A 189 0.62 -7.57 2.58
CA ARG A 189 -0.62 -6.98 3.05
C ARG A 189 -0.66 -7.03 4.57
N VAL A 190 -1.22 -6.00 5.18
CA VAL A 190 -1.39 -5.98 6.62
C VAL A 190 -2.67 -6.73 6.99
N ILE A 191 -2.55 -7.56 8.00
CA ILE A 191 -3.70 -8.25 8.56
C ILE A 191 -3.91 -7.75 9.99
N LEU A 192 -5.12 -7.31 10.30
CA LEU A 192 -5.45 -6.95 11.68
C LEU A 192 -5.95 -8.22 12.36
N HIS A 193 -5.51 -8.46 13.58
CA HIS A 193 -5.86 -9.69 14.28
C HIS A 193 -6.26 -9.44 15.73
N SER A 194 -7.38 -10.03 16.13
CA SER A 194 -7.80 -10.04 17.52
C SER A 194 -8.26 -11.44 17.88
N VAL A 195 -8.00 -11.84 19.11
CA VAL A 195 -8.56 -13.09 19.64
C VAL A 195 -9.67 -12.75 20.62
N LEU A 196 -10.88 -13.20 20.31
CA LEU A 196 -12.02 -12.99 21.20
C LEU A 196 -12.53 -14.35 21.66
N PHE A 197 -13.55 -14.36 22.50
CA PHE A 197 -14.04 -15.59 23.09
C PHE A 197 -15.56 -15.61 23.16
N TYR A 198 -16.13 -16.76 22.84
CA TYR A 198 -17.57 -16.97 23.01
C TYR A 198 -17.84 -17.42 24.43
N GLY B 1 19.39 18.65 29.99
CA GLY B 1 20.78 18.32 29.58
C GLY B 1 21.17 19.09 28.33
N SER B 2 22.45 19.00 27.97
CA SER B 2 22.98 19.73 26.82
C SER B 2 22.42 19.20 25.50
N HIS B 3 22.11 17.91 25.46
CA HIS B 3 21.63 17.28 24.23
C HIS B 3 20.46 16.34 24.50
N MET B 4 19.67 16.09 23.47
CA MET B 4 18.64 15.05 23.54
C MET B 4 19.33 13.72 23.81
N THR B 5 18.72 12.91 24.68
CA THR B 5 19.32 11.63 25.05
C THR B 5 18.29 10.52 25.05
N ASP B 6 18.77 9.30 24.88
CA ASP B 6 17.91 8.13 25.01
C ASP B 6 18.55 7.14 25.99
N PRO B 7 17.76 6.65 26.97
CA PRO B 7 18.26 5.72 27.97
C PRO B 7 18.61 4.35 27.37
N SER B 8 18.05 4.05 26.20
CA SER B 8 18.26 2.75 25.58
C SER B 8 19.72 2.46 25.32
N LYS B 9 20.10 1.20 25.50
CA LYS B 9 21.47 0.76 25.24
C LYS B 9 21.57 0.01 23.91
N LEU B 10 20.49 0.05 23.13
CA LEU B 10 20.49 -0.64 21.84
C LEU B 10 21.55 -0.07 20.90
N ALA B 11 22.21 -0.93 20.16
CA ALA B 11 23.06 -0.52 19.06
C ALA B 11 22.30 -0.78 17.78
N VAL B 12 22.10 0.26 16.99
CA VAL B 12 21.26 0.17 15.81
C VAL B 12 22.05 0.51 14.57
N ALA B 13 21.73 -0.15 13.47
CA ALA B 13 22.26 0.21 12.16
C ALA B 13 21.09 0.46 11.22
N VAL B 14 21.24 1.40 10.31
CA VAL B 14 20.26 1.59 9.25
C VAL B 14 20.98 1.45 7.92
N VAL B 15 20.40 0.68 7.00
CA VAL B 15 21.09 0.28 5.78
C VAL B 15 20.23 0.51 4.54
N ASP B 16 20.85 1.06 3.51
CA ASP B 16 20.21 1.26 2.22
C ASP B 16 21.14 0.68 1.16
N SER B 17 21.15 1.29 -0.02
CA SER B 17 21.98 0.81 -1.12
C SER B 17 23.32 1.54 -1.22
N SER B 18 23.28 2.88 -1.26
CA SER B 18 24.50 3.67 -1.51
C SER B 18 24.96 4.44 -0.28
N ASN B 19 24.26 4.25 0.83
CA ASN B 19 24.56 4.94 2.09
C ASN B 19 24.71 6.44 1.82
N MET B 20 23.66 7.00 1.22
CA MET B 20 23.68 8.38 0.74
C MET B 20 22.42 9.11 1.17
N ASN B 21 21.27 8.54 0.84
CA ASN B 21 20.00 9.22 1.06
C ASN B 21 19.23 8.70 2.27
N ARG B 22 18.57 7.55 2.10
CA ARG B 22 17.61 7.05 3.08
C ARG B 22 18.25 6.67 4.42
N SER B 23 19.38 6.00 4.38
CA SER B 23 20.05 5.54 5.59
C SER B 23 20.67 6.72 6.33
N MET B 24 21.08 7.74 5.59
CA MET B 24 21.75 8.89 6.19
C MET B 24 20.73 9.85 6.79
N GLU B 25 19.55 9.93 6.19
CA GLU B 25 18.48 10.72 6.76
C GLU B 25 18.06 10.08 8.08
N ALA B 26 18.02 8.74 8.09
CA ALA B 26 17.65 8.00 9.30
C ALA B 26 18.77 8.08 10.33
N HIS B 27 20.00 8.04 9.85
CA HIS B 27 21.16 8.13 10.71
C HIS B 27 21.12 9.46 11.46
N ASN B 28 20.88 10.53 10.71
CA ASN B 28 20.82 11.88 11.25
C ASN B 28 19.73 12.04 12.31
N PHE B 29 18.54 11.51 12.00
CA PHE B 29 17.39 11.65 12.88
C PHE B 29 17.59 10.86 14.17
N LEU B 30 18.05 9.62 14.05
CA LEU B 30 18.25 8.75 15.20
C LEU B 30 19.35 9.29 16.10
N ALA B 31 20.42 9.80 15.50
CA ALA B 31 21.56 10.31 16.26
C ALA B 31 21.13 11.54 17.07
N LYS B 32 20.34 12.40 16.46
CA LYS B 32 19.87 13.61 17.12
C LYS B 32 18.98 13.27 18.31
N LYS B 33 18.28 12.15 18.23
CA LYS B 33 17.40 11.71 19.31
C LYS B 33 18.17 10.98 20.43
N GLY B 34 19.45 10.70 20.19
CA GLY B 34 20.31 10.17 21.23
C GLY B 34 20.63 8.68 21.11
N PHE B 35 20.18 8.04 20.03
CA PHE B 35 20.43 6.62 19.83
C PHE B 35 21.86 6.32 19.37
N ASN B 36 22.36 5.16 19.76
CA ASN B 36 23.61 4.63 19.23
C ASN B 36 23.34 4.07 17.83
N VAL B 37 23.68 4.84 16.81
CA VAL B 37 23.33 4.48 15.44
C VAL B 37 24.51 4.61 14.49
N ARG B 38 24.57 3.69 13.53
CA ARG B 38 25.54 3.74 12.45
C ARG B 38 24.78 3.40 11.16
N SER B 39 25.40 3.57 10.00
CA SER B 39 24.68 3.38 8.75
C SER B 39 25.56 2.80 7.65
N TYR B 40 24.94 2.06 6.73
CA TYR B 40 25.67 1.41 5.64
C TYR B 40 24.85 1.32 4.37
N GLY B 41 25.52 0.90 3.30
CA GLY B 41 24.86 0.60 2.04
C GLY B 41 25.22 -0.82 1.66
N THR B 42 24.47 -1.42 0.75
CA THR B 42 24.71 -2.80 0.37
C THR B 42 25.14 -2.95 -1.09
N GLY B 43 25.03 -1.87 -1.85
CA GLY B 43 25.41 -1.88 -3.26
C GLY B 43 26.89 -2.15 -3.46
N GLU B 44 27.26 -2.54 -4.67
CA GLU B 44 28.66 -2.76 -5.00
C GLU B 44 29.41 -1.44 -4.99
N ARG B 45 28.70 -0.36 -5.30
CA ARG B 45 29.29 0.98 -5.36
C ARG B 45 28.25 2.03 -5.03
N VAL B 46 28.72 3.23 -4.68
CA VAL B 46 27.83 4.37 -4.44
C VAL B 46 27.33 4.89 -5.77
N LYS B 47 26.04 5.20 -5.86
CA LYS B 47 25.46 5.69 -7.10
C LYS B 47 24.51 6.85 -6.85
N LEU B 48 24.83 8.01 -7.40
CA LEU B 48 23.95 9.17 -7.34
C LEU B 48 23.38 9.44 -8.72
N PRO B 49 22.28 10.20 -8.80
CA PRO B 49 21.69 10.57 -10.08
C PRO B 49 22.67 11.38 -10.93
N GLY B 50 22.33 11.59 -12.20
CA GLY B 50 23.17 12.37 -13.09
C GLY B 50 22.35 13.42 -13.81
N MET B 51 22.80 13.82 -15.00
CA MET B 51 22.06 14.78 -15.80
C MET B 51 21.09 14.03 -16.72
N ALA B 52 21.41 12.77 -16.99
CA ALA B 52 20.52 11.88 -17.72
C ALA B 52 20.36 10.58 -16.93
N PHE B 53 19.25 9.88 -17.18
CA PHE B 53 18.97 8.67 -16.41
C PHE B 53 20.05 7.61 -16.59
N ASP B 54 20.54 7.44 -17.81
CA ASP B 54 21.57 6.44 -18.07
C ASP B 54 22.97 6.97 -17.82
N LYS B 55 23.06 8.11 -17.15
CA LYS B 55 24.36 8.73 -16.84
C LYS B 55 24.48 9.04 -15.35
N PRO B 56 24.53 8.01 -14.51
CA PRO B 56 24.67 8.19 -13.06
C PRO B 56 26.10 8.47 -12.64
N ASN B 57 26.29 9.24 -11.58
CA ASN B 57 27.60 9.42 -10.98
C ASN B 57 27.94 8.23 -10.08
N VAL B 58 28.89 7.40 -10.51
CA VAL B 58 29.26 6.23 -9.75
C VAL B 58 30.63 6.40 -9.09
N TYR B 59 30.69 6.03 -7.81
CA TYR B 59 31.92 6.11 -7.04
C TYR B 59 32.11 4.83 -6.25
N GLU B 60 33.33 4.59 -5.78
CA GLU B 60 33.60 3.45 -4.92
C GLU B 60 33.22 3.80 -3.49
N PHE B 61 32.80 2.81 -2.72
CA PHE B 61 32.63 2.98 -1.29
C PHE B 61 34.00 3.35 -0.72
N GLY B 62 34.00 4.15 0.34
CA GLY B 62 35.25 4.62 0.91
C GLY B 62 35.63 5.98 0.36
N THR B 63 35.07 6.33 -0.80
CA THR B 63 35.26 7.64 -1.38
C THR B 63 34.64 8.69 -0.46
N LYS B 64 35.48 9.54 0.13
CA LYS B 64 35.01 10.59 1.02
C LYS B 64 33.81 11.32 0.42
N TYR B 65 32.84 11.66 1.26
CA TYR B 65 31.67 12.40 0.80
C TYR B 65 32.12 13.72 0.19
N GLU B 66 33.17 14.30 0.74
CA GLU B 66 33.64 15.61 0.30
C GLU B 66 34.20 15.54 -1.13
N ASP B 67 35.00 14.52 -1.40
CA ASP B 67 35.57 14.33 -2.73
C ASP B 67 34.48 14.15 -3.78
N ILE B 68 33.33 13.60 -3.36
CA ILE B 68 32.18 13.45 -4.24
C ILE B 68 31.47 14.78 -4.40
N TYR B 69 31.38 15.53 -3.31
CA TYR B 69 30.76 16.85 -3.30
C TYR B 69 31.51 17.78 -4.25
N ARG B 70 32.83 17.61 -4.31
CA ARG B 70 33.68 18.48 -5.13
C ARG B 70 33.63 18.04 -6.58
N ASP B 71 33.46 16.73 -6.81
CA ASP B 71 33.37 16.20 -8.16
C ASP B 71 32.16 16.78 -8.85
N LEU B 72 31.03 16.79 -8.16
CA LEU B 72 29.79 17.34 -8.69
C LEU B 72 29.87 18.86 -8.74
N GLU B 73 30.68 19.43 -7.86
CA GLU B 73 30.84 20.88 -7.78
C GLU B 73 31.47 21.43 -9.05
N SER B 74 32.46 20.70 -9.57
CA SER B 74 33.18 21.12 -10.76
C SER B 74 32.42 20.72 -12.03
N LYS B 75 31.66 19.63 -11.95
CA LYS B 75 30.92 19.14 -13.10
C LYS B 75 29.81 20.13 -13.48
N ASP B 76 29.15 20.70 -12.48
CA ASP B 76 28.07 21.65 -12.70
C ASP B 76 27.48 22.09 -11.38
N LYS B 77 28.10 23.08 -10.75
CA LYS B 77 27.70 23.50 -9.41
C LYS B 77 26.27 24.04 -9.33
N GLU B 78 25.63 24.25 -10.48
CA GLU B 78 24.29 24.80 -10.49
C GLU B 78 23.24 23.69 -10.58
N PHE B 79 23.45 22.76 -11.51
CA PHE B 79 22.53 21.64 -11.71
C PHE B 79 22.40 20.81 -10.44
N TYR B 80 23.54 20.44 -9.86
CA TYR B 80 23.56 19.56 -8.69
C TYR B 80 23.20 20.29 -7.40
N THR B 81 22.79 21.55 -7.52
CA THR B 81 22.26 22.29 -6.38
C THR B 81 20.75 22.24 -6.42
N GLN B 82 20.19 22.37 -7.61
CA GLN B 82 18.75 22.40 -7.81
C GLN B 82 18.11 21.06 -7.47
N ASN B 83 18.81 19.97 -7.78
CA ASN B 83 18.30 18.64 -7.51
C ASN B 83 18.69 18.16 -6.12
N GLY B 84 19.37 19.02 -5.36
CA GLY B 84 19.62 18.78 -3.96
C GLY B 84 20.73 17.81 -3.61
N LEU B 85 21.55 17.43 -4.59
CA LEU B 85 22.61 16.45 -4.34
C LEU B 85 23.75 17.03 -3.51
N LEU B 86 24.10 18.28 -3.77
CA LEU B 86 25.18 18.93 -3.03
C LEU B 86 24.76 19.14 -1.57
N HIS B 87 23.50 19.48 -1.36
CA HIS B 87 22.97 19.62 -0.01
C HIS B 87 23.02 18.29 0.73
N MET B 88 22.68 17.21 0.03
CA MET B 88 22.69 15.89 0.64
C MET B 88 24.11 15.47 0.98
N LEU B 89 25.04 15.75 0.08
CA LEU B 89 26.43 15.37 0.29
C LEU B 89 27.03 16.17 1.43
N ASP B 90 26.52 17.38 1.64
CA ASP B 90 26.97 18.21 2.74
C ASP B 90 26.57 17.56 4.05
N ARG B 91 25.28 17.25 4.17
CA ARG B 91 24.75 16.66 5.40
C ARG B 91 25.53 15.39 5.75
N ASN B 92 25.77 14.54 4.76
CA ASN B 92 26.50 13.30 4.98
C ASN B 92 27.89 13.57 5.53
N ARG B 93 28.54 14.61 5.00
CA ARG B 93 29.88 14.98 5.42
C ARG B 93 29.92 15.40 6.89
N ARG B 94 28.85 16.04 7.36
CA ARG B 94 28.80 16.52 8.72
C ARG B 94 28.51 15.39 9.71
N ILE B 95 28.13 14.22 9.19
CA ILE B 95 27.87 13.06 10.03
C ILE B 95 29.09 12.16 10.09
N LYS B 96 29.71 11.90 8.95
CA LYS B 96 30.90 11.07 8.90
C LYS B 96 31.65 11.26 7.58
N LYS B 97 32.79 10.63 7.45
CA LYS B 97 33.70 10.90 6.34
C LYS B 97 33.27 10.26 5.02
N CYS B 98 33.00 8.95 5.03
CA CYS B 98 32.67 8.27 3.77
C CYS B 98 31.57 7.22 3.92
N PRO B 99 30.95 6.84 2.79
CA PRO B 99 29.99 5.74 2.74
C PRO B 99 30.66 4.40 3.02
N GLU B 100 30.04 3.56 3.85
CA GLU B 100 30.58 2.26 4.19
C GLU B 100 29.65 1.15 3.71
N ARG B 101 30.24 0.06 3.23
CA ARG B 101 29.47 -1.10 2.82
C ARG B 101 29.21 -2.00 4.01
N PHE B 102 27.96 -2.38 4.20
CA PHE B 102 27.58 -3.23 5.31
C PHE B 102 28.40 -4.52 5.31
N GLN B 103 28.64 -5.06 4.12
CA GLN B 103 29.29 -6.37 4.01
C GLN B 103 30.74 -6.35 4.51
N ASP B 104 31.30 -5.16 4.67
CA ASP B 104 32.70 -5.02 5.03
C ASP B 104 32.92 -4.63 6.49
N THR B 105 31.85 -4.25 7.18
CA THR B 105 31.99 -3.80 8.56
C THR B 105 32.15 -4.97 9.53
N LYS B 106 32.84 -4.70 10.64
CA LYS B 106 32.99 -5.69 11.70
C LYS B 106 32.18 -5.28 12.94
N GLU B 107 31.47 -4.16 12.83
CA GLU B 107 30.61 -3.71 13.92
C GLU B 107 29.43 -4.65 14.06
N GLN B 108 28.93 -4.80 15.29
CA GLN B 108 27.78 -5.65 15.56
C GLN B 108 26.64 -4.83 16.15
N PHE B 109 25.42 -5.27 15.89
CA PHE B 109 24.25 -4.47 16.26
C PHE B 109 23.17 -5.33 16.90
N ASP B 110 22.28 -4.69 17.66
CA ASP B 110 21.13 -5.36 18.23
C ASP B 110 19.98 -5.37 17.24
N ILE B 111 19.87 -4.29 16.47
CA ILE B 111 18.84 -4.17 15.45
C ILE B 111 19.42 -3.54 14.19
N ILE B 112 19.11 -4.12 13.04
CA ILE B 112 19.49 -3.56 11.75
C ILE B 112 18.24 -3.30 10.92
N VAL B 113 18.00 -2.04 10.59
CA VAL B 113 16.86 -1.66 9.77
C VAL B 113 17.27 -1.43 8.33
N THR B 114 16.59 -2.12 7.39
CA THR B 114 16.83 -1.92 5.96
C THR B 114 15.66 -1.16 5.36
N VAL B 115 15.88 -0.47 4.25
CA VAL B 115 14.87 0.45 3.72
C VAL B 115 14.24 -0.03 2.42
N GLU B 116 14.53 -1.27 2.03
CA GLU B 116 13.83 -1.89 0.91
C GLU B 116 14.20 -3.38 0.84
N GLU B 117 13.32 -4.19 0.28
CA GLU B 117 13.49 -5.64 0.35
C GLU B 117 14.81 -6.11 -0.22
N ARG B 118 15.24 -5.48 -1.31
CA ARG B 118 16.48 -5.87 -1.96
C ARG B 118 17.66 -5.69 -1.02
N VAL B 119 17.64 -4.61 -0.24
CA VAL B 119 18.69 -4.35 0.74
C VAL B 119 18.55 -5.32 1.90
N TYR B 120 17.30 -5.53 2.33
CA TYR B 120 17.00 -6.55 3.33
C TYR B 120 17.66 -7.87 2.96
N ASP B 121 17.47 -8.31 1.73
CA ASP B 121 17.95 -9.61 1.29
C ASP B 121 19.48 -9.68 1.30
N LEU B 122 20.14 -8.60 0.91
CA LEU B 122 21.60 -8.57 0.92
C LEU B 122 22.13 -8.63 2.35
N VAL B 123 21.49 -7.89 3.25
CA VAL B 123 21.90 -7.90 4.64
C VAL B 123 21.78 -9.32 5.21
N VAL B 124 20.62 -9.93 5.02
CA VAL B 124 20.38 -11.29 5.52
C VAL B 124 21.36 -12.30 4.93
N MET B 125 21.54 -12.27 3.61
CA MET B 125 22.47 -13.17 2.95
C MET B 125 23.86 -13.07 3.55
N HIS B 126 24.34 -11.84 3.76
CA HIS B 126 25.65 -11.63 4.35
C HIS B 126 25.72 -12.21 5.76
N MET B 127 24.70 -11.95 6.57
CA MET B 127 24.68 -12.46 7.94
C MET B 127 24.69 -13.99 7.92
N GLU B 128 24.01 -14.58 6.94
CA GLU B 128 23.91 -16.03 6.83
C GLU B 128 25.22 -16.65 6.40
N SER B 129 26.04 -15.90 5.67
CA SER B 129 27.31 -16.41 5.17
C SER B 129 28.34 -16.49 6.28
N MET B 130 28.15 -15.71 7.33
CA MET B 130 29.09 -15.68 8.45
C MET B 130 28.77 -16.79 9.44
N GLU B 131 29.80 -17.38 10.03
CA GLU B 131 29.62 -18.41 11.03
C GLU B 131 29.18 -17.76 12.35
N SER B 132 28.22 -18.38 13.02
CA SER B 132 27.80 -17.91 14.34
C SER B 132 28.83 -18.35 15.37
N VAL B 133 29.58 -17.39 15.91
CA VAL B 133 30.63 -17.71 16.87
C VAL B 133 30.22 -17.28 18.29
N ASP B 134 29.51 -16.16 18.38
CA ASP B 134 29.05 -15.66 19.67
C ASP B 134 27.62 -16.07 19.97
N ASN B 135 26.90 -16.53 18.94
CA ASN B 135 25.48 -16.82 19.09
C ASN B 135 24.70 -15.60 19.62
N ARG B 136 25.15 -14.42 19.23
CA ARG B 136 24.51 -13.17 19.64
C ARG B 136 23.40 -12.79 18.67
N PRO B 137 22.15 -12.74 19.16
CA PRO B 137 21.00 -12.44 18.29
C PRO B 137 21.02 -11.01 17.76
N VAL B 138 20.64 -10.83 16.50
CA VAL B 138 20.44 -9.50 15.92
C VAL B 138 19.17 -9.52 15.08
N HIS B 139 18.31 -8.54 15.28
CA HIS B 139 17.04 -8.48 14.56
C HIS B 139 17.14 -7.56 13.36
N VAL B 140 16.88 -8.13 12.17
CA VAL B 140 16.87 -7.37 10.94
C VAL B 140 15.43 -7.05 10.58
N LEU B 141 15.13 -5.76 10.43
CA LEU B 141 13.78 -5.29 10.15
C LEU B 141 13.77 -4.44 8.88
N ASN B 142 12.88 -4.77 7.94
CA ASN B 142 12.75 -3.97 6.74
C ASN B 142 11.55 -3.04 6.82
N VAL B 143 11.80 -1.75 6.63
CA VAL B 143 10.75 -0.75 6.50
C VAL B 143 10.92 -0.04 5.15
N ASP B 144 9.94 -0.20 4.26
CA ASP B 144 10.05 0.39 2.93
C ASP B 144 10.10 1.91 3.00
N VAL B 145 11.13 2.49 2.38
CA VAL B 145 11.23 3.94 2.27
C VAL B 145 11.47 4.30 0.81
N VAL B 146 10.54 5.05 0.24
CA VAL B 146 10.66 5.51 -1.15
C VAL B 146 11.92 6.37 -1.28
N ASN B 147 12.66 6.17 -2.36
CA ASN B 147 13.98 6.75 -2.52
C ASN B 147 13.96 8.16 -3.12
N ASN B 148 13.47 9.12 -2.35
CA ASN B 148 13.64 10.54 -2.66
C ASN B 148 13.78 11.33 -1.36
N ALA B 149 14.23 12.59 -1.46
CA ALA B 149 14.55 13.39 -0.29
C ALA B 149 13.36 13.52 0.66
N GLU B 150 12.16 13.68 0.11
CA GLU B 150 10.97 13.92 0.92
C GLU B 150 10.59 12.65 1.68
N ASP B 151 10.58 11.52 0.99
CA ASP B 151 10.15 10.28 1.58
C ASP B 151 11.22 9.68 2.48
N ALA B 152 12.48 10.08 2.26
CA ALA B 152 13.56 9.59 3.11
C ALA B 152 13.43 10.23 4.50
N LEU B 153 12.91 11.45 4.54
CA LEU B 153 12.65 12.12 5.81
C LEU B 153 11.49 11.46 6.52
N MET B 154 10.45 11.11 5.76
CA MET B 154 9.31 10.40 6.31
C MET B 154 9.79 9.08 6.88
N GLY B 155 10.64 8.41 6.11
CA GLY B 155 11.16 7.11 6.50
C GLY B 155 11.93 7.22 7.80
N ALA B 156 12.63 8.33 7.99
CA ALA B 156 13.39 8.55 9.20
C ALA B 156 12.46 8.61 10.41
N PHE B 157 11.34 9.30 10.27
CA PHE B 157 10.35 9.38 11.34
C PHE B 157 9.84 7.99 11.70
N VAL B 158 9.32 7.28 10.69
CA VAL B 158 8.71 5.97 10.90
C VAL B 158 9.68 5.01 11.57
N ILE B 159 10.89 4.93 11.02
CA ILE B 159 11.92 4.05 11.57
C ILE B 159 12.19 4.40 13.01
N THR B 160 12.22 5.69 13.33
CA THR B 160 12.50 6.12 14.69
C THR B 160 11.36 5.75 15.64
N ASP B 161 10.12 5.84 15.16
CA ASP B 161 8.98 5.41 15.96
C ASP B 161 9.09 3.90 16.26
N MET B 162 9.55 3.14 15.28
CA MET B 162 9.71 1.71 15.44
C MET B 162 10.77 1.42 16.50
N ILE B 163 11.90 2.10 16.39
CA ILE B 163 13.01 1.92 17.33
C ILE B 163 12.64 2.33 18.76
N ASN B 164 11.83 3.38 18.90
CA ASN B 164 11.37 3.83 20.21
C ASN B 164 10.55 2.74 20.89
N MET B 165 9.65 2.15 20.12
CA MET B 165 8.77 1.09 20.61
C MET B 165 9.61 -0.07 21.14
N MET B 166 10.59 -0.47 20.34
CA MET B 166 11.41 -1.63 20.65
C MET B 166 12.31 -1.37 21.86
N ALA B 167 12.74 -0.12 22.02
CA ALA B 167 13.61 0.26 23.11
C ALA B 167 12.91 0.15 24.47
N LYS B 168 11.57 0.14 24.46
CA LYS B 168 10.81 0.08 25.70
C LYS B 168 10.56 -1.35 26.17
N SER B 169 10.75 -2.31 25.27
CA SER B 169 10.62 -3.72 25.60
C SER B 169 11.63 -4.12 26.67
N THR B 170 11.18 -4.91 27.65
CA THR B 170 12.03 -5.39 28.73
C THR B 170 12.76 -6.67 28.32
N ASP B 171 12.35 -7.23 27.18
CA ASP B 171 12.85 -8.51 26.71
C ASP B 171 12.61 -8.58 25.20
N LEU B 172 13.51 -8.00 24.42
CA LEU B 172 13.27 -7.82 22.98
C LEU B 172 13.10 -9.14 22.20
N ASP B 173 13.92 -10.14 22.49
CA ASP B 173 13.83 -11.40 21.75
C ASP B 173 12.44 -12.01 21.90
N ASN B 174 11.87 -11.89 23.09
CA ASN B 174 10.58 -12.47 23.38
C ASN B 174 9.39 -11.56 23.09
N ASP B 175 9.63 -10.26 22.99
CA ASP B 175 8.55 -9.29 22.75
C ASP B 175 8.42 -8.89 21.29
N ILE B 176 9.49 -9.03 20.51
CA ILE B 176 9.59 -8.33 19.23
C ILE B 176 8.52 -8.77 18.23
N ASP B 177 8.20 -10.07 18.17
CA ASP B 177 7.21 -10.54 17.22
C ASP B 177 5.87 -9.84 17.44
N GLU B 178 5.45 -9.73 18.69
CA GLU B 178 4.20 -9.05 19.02
C GLU B 178 4.29 -7.56 18.72
N LEU B 179 5.44 -6.95 19.00
CA LEU B 179 5.64 -5.53 18.76
C LEU B 179 5.58 -5.21 17.26
N ILE B 180 6.19 -6.08 16.46
CA ILE B 180 6.18 -5.91 15.01
C ILE B 180 4.75 -5.95 14.49
N GLN B 181 3.96 -6.92 14.95
CA GLN B 181 2.56 -7.03 14.51
C GLN B 181 1.75 -5.81 14.91
N GLU B 182 1.93 -5.32 16.14
CA GLU B 182 1.19 -4.16 16.61
C GLU B 182 1.55 -2.93 15.78
N PHE B 183 2.82 -2.81 15.43
CA PHE B 183 3.29 -1.66 14.65
C PHE B 183 2.74 -1.74 13.24
N GLU B 184 2.67 -2.94 12.69
CA GLU B 184 2.11 -3.13 11.36
C GLU B 184 0.64 -2.74 11.37
N GLU B 185 -0.09 -3.16 12.39
CA GLU B 185 -1.52 -2.91 12.45
C GLU B 185 -1.81 -1.43 12.65
N ARG B 186 -0.94 -0.75 13.40
CA ARG B 186 -1.17 0.65 13.75
C ARG B 186 -0.75 1.59 12.62
N ARG B 187 0.39 1.30 12.00
CA ARG B 187 0.98 2.17 10.99
C ARG B 187 0.65 1.72 9.57
N LYS B 188 -0.10 0.62 9.45
CA LYS B 188 -0.47 0.07 8.15
C LYS B 188 0.73 -0.14 7.22
N ARG B 189 1.82 -0.68 7.77
CA ARG B 189 3.00 -0.99 6.97
C ARG B 189 3.49 -2.40 7.28
N VAL B 190 3.88 -3.15 6.26
CA VAL B 190 4.46 -4.45 6.47
C VAL B 190 5.93 -4.31 6.85
N ILE B 191 6.35 -5.09 7.84
CA ILE B 191 7.74 -5.11 8.27
C ILE B 191 8.30 -6.52 8.08
N LEU B 192 9.39 -6.64 7.32
CA LEU B 192 10.04 -7.93 7.16
C LEU B 192 11.00 -8.13 8.34
N HIS B 193 10.98 -9.32 8.93
CA HIS B 193 11.78 -9.57 10.11
C HIS B 193 12.51 -10.91 10.07
N SER B 194 13.80 -10.89 10.34
CA SER B 194 14.58 -12.11 10.51
C SER B 194 15.46 -11.99 11.75
N VAL B 195 15.72 -13.12 12.39
CA VAL B 195 16.67 -13.17 13.50
C VAL B 195 17.91 -13.93 13.04
N LEU B 196 19.05 -13.26 13.05
CA LEU B 196 20.31 -13.91 12.72
C LEU B 196 21.26 -13.83 13.90
N PHE B 197 22.47 -14.36 13.76
CA PHE B 197 23.38 -14.45 14.89
C PHE B 197 24.83 -14.14 14.53
N TYR B 198 25.47 -13.28 15.31
CA TYR B 198 26.91 -13.10 15.23
C TYR B 198 27.62 -14.25 15.92
N ASP C 6 -9.97 -6.78 -26.50
CA ASP C 6 -9.91 -6.19 -27.83
C ASP C 6 -10.06 -7.28 -28.89
N PRO C 7 -10.51 -6.90 -30.10
CA PRO C 7 -10.50 -7.81 -31.24
C PRO C 7 -9.10 -7.96 -31.84
N SER C 8 -8.12 -8.21 -30.98
CA SER C 8 -6.73 -8.30 -31.40
C SER C 8 -6.22 -7.00 -32.01
N LYS C 9 -6.84 -5.90 -31.64
CA LYS C 9 -6.42 -4.58 -32.12
C LYS C 9 -5.11 -4.18 -31.46
N LEU C 10 -5.11 -4.11 -30.14
CA LEU C 10 -3.93 -3.72 -29.39
C LEU C 10 -2.90 -4.83 -29.32
N ALA C 11 -1.67 -4.51 -29.73
CA ALA C 11 -0.55 -5.41 -29.50
C ALA C 11 0.03 -5.05 -28.15
N VAL C 12 0.17 -6.05 -27.28
CA VAL C 12 0.58 -5.84 -25.91
C VAL C 12 1.81 -6.69 -25.59
N ALA C 13 2.68 -6.16 -24.74
CA ALA C 13 3.77 -6.95 -24.19
C ALA C 13 3.73 -6.82 -22.67
N VAL C 14 4.01 -7.90 -21.97
CA VAL C 14 4.14 -7.84 -20.52
C VAL C 14 5.57 -8.23 -20.16
N VAL C 15 6.17 -7.46 -19.26
CA VAL C 15 7.60 -7.56 -19.02
C VAL C 15 7.89 -7.65 -17.52
N ASP C 16 8.72 -8.61 -17.16
CA ASP C 16 9.18 -8.79 -15.80
C ASP C 16 10.70 -8.90 -15.84
N SER C 17 11.28 -9.65 -14.90
CA SER C 17 12.73 -9.76 -14.83
C SER C 17 13.30 -10.98 -15.57
N SER C 18 12.79 -12.18 -15.28
CA SER C 18 13.33 -13.40 -15.88
C SER C 18 12.37 -14.05 -16.88
N ASN C 19 11.26 -13.38 -17.16
CA ASN C 19 10.24 -13.91 -18.05
C ASN C 19 9.87 -15.34 -17.64
N MET C 20 9.60 -15.49 -16.35
CA MET C 20 9.38 -16.79 -15.73
C MET C 20 8.05 -16.85 -14.97
N ASN C 21 7.83 -15.88 -14.09
CA ASN C 21 6.65 -15.91 -13.22
C ASN C 21 5.57 -14.92 -13.63
N ARG C 22 5.80 -13.64 -13.32
CA ARG C 22 4.77 -12.62 -13.46
C ARG C 22 4.37 -12.36 -14.91
N SER C 23 5.35 -12.22 -15.80
CA SER C 23 5.07 -11.95 -17.20
C SER C 23 4.30 -13.11 -17.83
N MET C 24 4.61 -14.32 -17.38
CA MET C 24 4.04 -15.52 -17.99
C MET C 24 2.62 -15.77 -17.50
N GLU C 25 2.36 -15.45 -16.25
CA GLU C 25 1.03 -15.58 -15.70
C GLU C 25 0.13 -14.61 -16.47
N ALA C 26 0.62 -13.38 -16.68
CA ALA C 26 -0.16 -12.37 -17.36
C ALA C 26 -0.30 -12.70 -18.84
N HIS C 27 0.78 -13.21 -19.43
CA HIS C 27 0.78 -13.63 -20.82
C HIS C 27 -0.33 -14.65 -21.03
N ASN C 28 -0.35 -15.65 -20.16
CA ASN C 28 -1.31 -16.74 -20.28
C ASN C 28 -2.75 -16.25 -20.20
N PHE C 29 -3.02 -15.36 -19.25
CA PHE C 29 -4.38 -14.88 -19.02
C PHE C 29 -4.84 -14.00 -20.17
N LEU C 30 -3.95 -13.13 -20.64
CA LEU C 30 -4.25 -12.20 -21.71
C LEU C 30 -4.54 -12.95 -23.01
N ALA C 31 -3.72 -13.95 -23.30
CA ALA C 31 -3.86 -14.72 -24.53
C ALA C 31 -5.23 -15.39 -24.55
N LYS C 32 -5.64 -15.93 -23.40
CA LYS C 32 -6.92 -16.63 -23.33
C LYS C 32 -8.10 -15.65 -23.44
N LYS C 33 -7.87 -14.39 -23.12
CA LYS C 33 -8.89 -13.37 -23.28
C LYS C 33 -8.96 -12.87 -24.73
N GLY C 34 -8.05 -13.35 -25.56
CA GLY C 34 -8.08 -13.05 -26.98
C GLY C 34 -7.24 -11.84 -27.36
N PHE C 35 -6.30 -11.47 -26.50
CA PHE C 35 -5.42 -10.35 -26.78
C PHE C 35 -4.15 -10.81 -27.49
N ASN C 36 -3.66 -9.97 -28.40
CA ASN C 36 -2.35 -10.18 -29.01
C ASN C 36 -1.28 -9.83 -27.98
N VAL C 37 -0.63 -10.84 -27.41
CA VAL C 37 0.30 -10.59 -26.33
C VAL C 37 1.61 -11.36 -26.46
N ARG C 38 2.71 -10.70 -26.10
CA ARG C 38 4.01 -11.34 -25.96
C ARG C 38 4.56 -10.98 -24.59
N SER C 39 5.61 -11.68 -24.15
CA SER C 39 6.17 -11.47 -22.83
C SER C 39 7.70 -11.54 -22.85
N TYR C 40 8.34 -10.77 -21.98
CA TYR C 40 9.79 -10.71 -21.93
C TYR C 40 10.27 -10.46 -20.50
N GLY C 41 11.57 -10.65 -20.29
CA GLY C 41 12.23 -10.24 -19.06
C GLY C 41 13.32 -9.25 -19.40
N THR C 42 13.73 -8.43 -18.43
CA THR C 42 14.73 -7.40 -18.66
C THR C 42 16.05 -7.71 -17.98
N GLY C 43 16.10 -8.81 -17.25
CA GLY C 43 17.31 -9.20 -16.54
C GLY C 43 18.41 -9.57 -17.51
N GLU C 44 19.67 -9.53 -17.06
CA GLU C 44 20.78 -9.98 -17.89
C GLU C 44 20.68 -11.48 -18.09
N ARG C 45 20.15 -12.17 -17.09
CA ARG C 45 19.95 -13.61 -17.17
C ARG C 45 18.64 -14.03 -16.50
N VAL C 46 18.26 -15.28 -16.73
CA VAL C 46 17.07 -15.88 -16.12
C VAL C 46 17.46 -16.48 -14.77
N LYS C 47 16.74 -16.10 -13.71
CA LYS C 47 17.12 -16.52 -12.36
C LYS C 47 15.93 -17.08 -11.57
N LEU C 48 16.07 -18.35 -11.18
CA LEU C 48 15.08 -19.04 -10.36
C LEU C 48 15.66 -19.31 -8.99
N PRO C 49 14.81 -19.37 -7.96
CA PRO C 49 15.31 -19.63 -6.61
C PRO C 49 15.90 -21.02 -6.50
N GLY C 50 16.91 -21.18 -5.64
CA GLY C 50 17.53 -22.47 -5.41
C GLY C 50 17.32 -22.93 -3.97
N MET C 51 18.23 -23.76 -3.47
CA MET C 51 18.07 -24.34 -2.14
C MET C 51 18.70 -23.45 -1.08
N ALA C 52 19.20 -22.29 -1.51
CA ALA C 52 19.75 -21.29 -0.61
C ALA C 52 19.70 -19.96 -1.32
N PHE C 53 19.50 -18.88 -0.57
CA PHE C 53 19.32 -17.58 -1.18
C PHE C 53 20.53 -17.17 -2.01
N ASP C 54 21.72 -17.58 -1.59
CA ASP C 54 22.95 -17.22 -2.28
C ASP C 54 23.32 -18.23 -3.37
N LYS C 55 22.40 -19.13 -3.69
CA LYS C 55 22.64 -20.16 -4.69
C LYS C 55 21.45 -20.29 -5.64
N PRO C 56 21.16 -19.23 -6.40
CA PRO C 56 20.07 -19.31 -7.38
C PRO C 56 20.43 -20.18 -8.57
N ASN C 57 19.44 -20.57 -9.35
CA ASN C 57 19.65 -21.27 -10.61
C ASN C 57 19.60 -20.27 -11.75
N VAL C 58 20.72 -20.14 -12.47
CA VAL C 58 20.87 -19.11 -13.48
C VAL C 58 21.05 -19.72 -14.87
N TYR C 59 20.41 -19.11 -15.86
CA TYR C 59 20.50 -19.57 -17.24
C TYR C 59 20.47 -18.37 -18.17
N GLU C 60 20.95 -18.54 -19.40
CA GLU C 60 20.88 -17.49 -20.40
C GLU C 60 19.45 -17.42 -20.93
N PHE C 61 19.03 -16.24 -21.36
CA PHE C 61 17.78 -16.14 -22.11
C PHE C 61 17.94 -16.96 -23.38
N GLY C 62 16.88 -17.64 -23.78
CA GLY C 62 16.95 -18.53 -24.93
C GLY C 62 17.09 -19.98 -24.50
N THR C 63 17.41 -20.22 -23.23
CA THR C 63 17.42 -21.58 -22.69
C THR C 63 15.99 -22.08 -22.57
N LYS C 64 15.71 -23.24 -23.14
CA LYS C 64 14.33 -23.73 -23.22
C LYS C 64 13.78 -24.02 -21.83
N TYR C 65 12.53 -23.64 -21.61
CA TYR C 65 11.88 -23.91 -20.34
C TYR C 65 12.00 -25.40 -20.01
N GLU C 66 11.87 -26.24 -21.02
CA GLU C 66 11.91 -27.68 -20.81
C GLU C 66 13.28 -28.14 -20.35
N ASP C 67 14.33 -27.51 -20.86
CA ASP C 67 15.68 -27.87 -20.46
C ASP C 67 15.94 -27.46 -19.01
N ILE C 68 15.43 -26.30 -18.61
CA ILE C 68 15.54 -25.86 -17.23
C ILE C 68 14.79 -26.84 -16.34
N TYR C 69 13.62 -27.29 -16.78
CA TYR C 69 12.84 -28.29 -16.05
C TYR C 69 13.68 -29.53 -15.79
N ARG C 70 14.30 -30.07 -16.84
CA ARG C 70 15.09 -31.29 -16.73
C ARG C 70 16.28 -31.11 -15.78
N ASP C 71 16.92 -29.95 -15.87
CA ASP C 71 18.04 -29.61 -15.00
C ASP C 71 17.60 -29.68 -13.54
N LEU C 72 16.57 -28.91 -13.18
CA LEU C 72 16.13 -28.85 -11.79
C LEU C 72 15.60 -30.20 -11.30
N GLU C 73 14.99 -30.95 -12.20
CA GLU C 73 14.38 -32.23 -11.85
C GLU C 73 15.44 -33.24 -11.45
N SER C 74 16.60 -33.16 -12.11
CA SER C 74 17.69 -34.08 -11.83
C SER C 74 18.47 -33.69 -10.58
N LYS C 75 18.41 -32.41 -10.22
CA LYS C 75 19.10 -31.94 -9.01
C LYS C 75 18.36 -32.40 -7.76
N ASP C 76 17.06 -32.14 -7.71
CA ASP C 76 16.23 -32.55 -6.58
C ASP C 76 14.77 -32.44 -6.97
N LYS C 77 14.23 -33.50 -7.54
CA LYS C 77 12.87 -33.50 -8.06
C LYS C 77 11.88 -33.06 -6.98
N GLU C 78 11.91 -33.73 -5.84
CA GLU C 78 10.97 -33.44 -4.76
C GLU C 78 11.01 -31.98 -4.33
N PHE C 79 12.20 -31.46 -4.10
CA PHE C 79 12.36 -30.08 -3.66
C PHE C 79 11.71 -29.13 -4.66
N TYR C 80 12.03 -29.32 -5.92
CA TYR C 80 11.60 -28.38 -6.96
C TYR C 80 10.16 -28.61 -7.40
N THR C 81 9.58 -29.73 -6.95
CA THR C 81 8.16 -29.98 -7.14
C THR C 81 7.39 -29.24 -6.06
N GLN C 82 7.87 -29.34 -4.83
CA GLN C 82 7.15 -28.81 -3.68
C GLN C 82 7.06 -27.30 -3.68
N ASN C 83 8.13 -26.62 -4.08
CA ASN C 83 8.12 -25.16 -4.12
C ASN C 83 7.49 -24.60 -5.40
N GLY C 84 7.01 -25.50 -6.26
CA GLY C 84 6.22 -25.11 -7.41
C GLY C 84 7.00 -24.69 -8.65
N LEU C 85 8.31 -24.92 -8.66
CA LEU C 85 9.13 -24.48 -9.78
C LEU C 85 8.97 -25.39 -11.01
N LEU C 86 8.90 -26.69 -10.80
CA LEU C 86 8.70 -27.60 -11.93
C LEU C 86 7.36 -27.31 -12.60
N HIS C 87 6.33 -27.07 -11.82
CA HIS C 87 5.02 -26.73 -12.39
C HIS C 87 5.10 -25.45 -13.21
N MET C 88 5.74 -24.43 -12.65
CA MET C 88 5.86 -23.14 -13.32
C MET C 88 6.56 -23.32 -14.66
N LEU C 89 7.62 -24.11 -14.67
CA LEU C 89 8.45 -24.29 -15.86
C LEU C 89 7.70 -25.07 -16.94
N ASP C 90 6.96 -26.09 -16.55
CA ASP C 90 6.20 -26.90 -17.49
C ASP C 90 5.03 -26.10 -18.06
N ARG C 91 4.39 -25.32 -17.20
CA ARG C 91 3.34 -24.42 -17.63
C ARG C 91 3.90 -23.45 -18.67
N ASN C 92 5.08 -22.89 -18.39
CA ASN C 92 5.72 -21.97 -19.31
C ASN C 92 6.01 -22.65 -20.66
N ARG C 93 6.51 -23.88 -20.62
CA ARG C 93 6.79 -24.63 -21.84
C ARG C 93 5.56 -24.67 -22.75
N ARG C 94 4.38 -24.89 -22.18
CA ARG C 94 3.16 -25.01 -22.95
C ARG C 94 2.68 -23.68 -23.54
N ILE C 95 3.27 -22.57 -23.07
CA ILE C 95 2.97 -21.26 -23.62
C ILE C 95 3.91 -20.91 -24.77
N LYS C 96 5.21 -21.07 -24.53
CA LYS C 96 6.22 -20.85 -25.56
C LYS C 96 7.49 -21.59 -25.19
N LYS C 97 8.45 -21.63 -26.11
CA LYS C 97 9.62 -22.48 -25.95
C LYS C 97 10.65 -21.97 -24.95
N CYS C 98 10.90 -20.68 -24.90
CA CYS C 98 11.98 -20.18 -24.03
C CYS C 98 11.78 -18.74 -23.56
N PRO C 99 12.44 -18.39 -22.45
CA PRO C 99 12.40 -17.01 -21.96
C PRO C 99 13.06 -16.05 -22.96
N GLU C 100 12.47 -14.88 -23.19
CA GLU C 100 13.02 -13.91 -24.12
C GLU C 100 13.33 -12.60 -23.41
N ARG C 101 14.42 -11.96 -23.80
CA ARG C 101 14.86 -10.70 -23.19
C ARG C 101 14.34 -9.51 -23.99
N PHE C 102 13.70 -8.57 -23.32
CA PHE C 102 13.05 -7.45 -24.00
C PHE C 102 14.01 -6.60 -24.83
N GLN C 103 15.21 -6.39 -24.31
CA GLN C 103 16.15 -5.46 -24.94
C GLN C 103 16.61 -5.98 -26.30
N ASP C 104 16.37 -7.27 -26.55
CA ASP C 104 16.85 -7.92 -27.76
C ASP C 104 15.74 -8.19 -28.78
N THR C 105 14.52 -7.72 -28.50
CA THR C 105 13.40 -7.97 -29.40
C THR C 105 13.24 -6.84 -30.41
N LYS C 106 12.75 -7.18 -31.60
CA LYS C 106 12.48 -6.19 -32.63
C LYS C 106 10.98 -5.94 -32.78
N GLU C 107 10.19 -6.67 -32.00
CA GLU C 107 8.74 -6.52 -32.03
C GLU C 107 8.32 -5.14 -31.55
N GLN C 108 7.18 -4.66 -32.03
CA GLN C 108 6.65 -3.38 -31.60
C GLN C 108 5.25 -3.53 -31.02
N PHE C 109 4.92 -2.69 -30.05
CA PHE C 109 3.66 -2.84 -29.32
C PHE C 109 2.96 -1.50 -29.12
N ASP C 110 1.65 -1.54 -28.95
CA ASP C 110 0.89 -0.35 -28.61
C ASP C 110 0.98 -0.06 -27.11
N ILE C 111 1.04 -1.12 -26.32
CA ILE C 111 1.18 -0.98 -24.88
C ILE C 111 2.19 -1.99 -24.35
N ILE C 112 3.07 -1.53 -23.48
CA ILE C 112 4.00 -2.42 -22.79
C ILE C 112 3.78 -2.28 -21.29
N VAL C 113 3.41 -3.37 -20.65
CA VAL C 113 3.17 -3.39 -19.21
C VAL C 113 4.35 -4.01 -18.47
N THR C 114 4.91 -3.28 -17.51
CA THR C 114 5.99 -3.80 -16.67
C THR C 114 5.45 -4.06 -15.26
N VAL C 115 6.07 -4.97 -14.52
CA VAL C 115 5.50 -5.44 -13.24
C VAL C 115 6.26 -4.98 -11.99
N GLU C 116 7.23 -4.10 -12.16
CA GLU C 116 7.88 -3.42 -11.03
C GLU C 116 8.73 -2.28 -11.56
N GLU C 117 8.97 -1.27 -10.73
CA GLU C 117 9.60 -0.05 -11.20
C GLU C 117 10.97 -0.26 -11.84
N ARG C 118 11.77 -1.16 -11.29
CA ARG C 118 13.10 -1.42 -11.83
C ARG C 118 13.02 -1.90 -13.27
N VAL C 119 12.06 -2.79 -13.55
CA VAL C 119 11.87 -3.30 -14.89
C VAL C 119 11.34 -2.18 -15.79
N TYR C 120 10.48 -1.35 -15.23
CA TYR C 120 9.94 -0.19 -15.92
C TYR C 120 11.07 0.73 -16.38
N ASP C 121 12.04 0.97 -15.50
CA ASP C 121 13.18 1.83 -15.82
C ASP C 121 14.01 1.23 -16.95
N LEU C 122 14.26 -0.07 -16.88
CA LEU C 122 15.04 -0.76 -17.91
C LEU C 122 14.35 -0.71 -19.27
N VAL C 123 13.03 -0.84 -19.26
CA VAL C 123 12.26 -0.78 -20.50
C VAL C 123 12.29 0.63 -21.07
N VAL C 124 12.03 1.61 -20.22
CA VAL C 124 12.01 3.01 -20.65
C VAL C 124 13.39 3.43 -21.15
N MET C 125 14.43 3.00 -20.45
CA MET C 125 15.80 3.35 -20.82
C MET C 125 16.14 2.76 -22.19
N HIS C 126 15.71 1.52 -22.42
CA HIS C 126 15.96 0.86 -23.69
C HIS C 126 15.28 1.61 -24.82
N MET C 127 14.04 2.04 -24.59
CA MET C 127 13.27 2.75 -25.60
C MET C 127 13.89 4.11 -25.90
N GLU C 128 14.44 4.75 -24.87
CA GLU C 128 14.99 6.09 -25.00
C GLU C 128 16.35 6.06 -25.70
N SER C 129 17.02 4.91 -25.64
CA SER C 129 18.33 4.78 -26.27
C SER C 129 18.19 4.54 -27.77
N MET C 130 17.01 4.07 -28.18
CA MET C 130 16.74 3.80 -29.59
C MET C 130 16.20 5.04 -30.30
N GLU C 131 16.42 5.08 -31.61
CA GLU C 131 16.00 6.21 -32.43
C GLU C 131 14.54 6.10 -32.81
N SER C 132 13.82 7.22 -32.76
CA SER C 132 12.42 7.26 -33.17
C SER C 132 12.33 7.38 -34.68
N VAL C 133 12.44 6.25 -35.37
CA VAL C 133 12.46 6.25 -36.83
C VAL C 133 11.05 6.34 -37.42
N ASP C 134 10.10 5.62 -36.82
CA ASP C 134 8.74 5.60 -37.31
C ASP C 134 7.86 6.64 -36.62
N ASN C 135 8.37 7.22 -35.53
CA ASN C 135 7.59 8.14 -34.71
C ASN C 135 6.24 7.53 -34.30
N ARG C 136 6.26 6.22 -34.05
CA ARG C 136 5.07 5.50 -33.63
C ARG C 136 4.98 5.47 -32.11
N PRO C 137 3.92 6.07 -31.54
CA PRO C 137 3.81 6.11 -30.07
C PRO C 137 3.56 4.74 -29.46
N VAL C 138 4.18 4.48 -28.31
CA VAL C 138 3.93 3.26 -27.54
C VAL C 138 3.91 3.63 -26.05
N HIS C 139 2.89 3.16 -25.34
CA HIS C 139 2.73 3.50 -23.94
C HIS C 139 3.30 2.44 -23.01
N VAL C 140 4.21 2.84 -22.15
CA VAL C 140 4.74 1.95 -21.12
C VAL C 140 3.99 2.19 -19.80
N LEU C 141 3.35 1.14 -19.27
CA LEU C 141 2.60 1.23 -18.03
C LEU C 141 3.15 0.26 -17.00
N ASN C 142 3.45 0.75 -15.81
CA ASN C 142 3.88 -0.12 -14.72
C ASN C 142 2.77 -0.44 -13.74
N VAL C 143 2.52 -1.72 -13.53
CA VAL C 143 1.62 -2.20 -12.49
C VAL C 143 2.41 -3.12 -11.58
N ASP C 144 2.59 -2.71 -10.32
CA ASP C 144 3.37 -3.51 -9.38
C ASP C 144 2.73 -4.87 -9.13
N VAL C 145 3.53 -5.92 -9.29
CA VAL C 145 3.07 -7.29 -9.04
C VAL C 145 4.07 -8.00 -8.14
N VAL C 146 3.62 -8.41 -6.95
CA VAL C 146 4.49 -9.10 -6.01
C VAL C 146 4.95 -10.41 -6.61
N ASN C 147 6.21 -10.77 -6.37
CA ASN C 147 6.83 -11.87 -7.11
C ASN C 147 6.71 -13.23 -6.42
N ASN C 148 5.49 -13.77 -6.43
CA ASN C 148 5.26 -15.15 -6.05
C ASN C 148 4.12 -15.69 -6.91
N ALA C 149 3.91 -17.00 -6.90
CA ALA C 149 2.95 -17.63 -7.78
C ALA C 149 1.53 -17.06 -7.63
N GLU C 150 1.08 -16.86 -6.39
CA GLU C 150 -0.29 -16.42 -6.15
C GLU C 150 -0.52 -14.98 -6.61
N ASP C 151 0.39 -14.08 -6.25
CA ASP C 151 0.25 -12.69 -6.61
C ASP C 151 0.48 -12.45 -8.11
N ALA C 152 1.24 -13.34 -8.75
CA ALA C 152 1.44 -13.27 -10.20
C ALA C 152 0.11 -13.48 -10.91
N LEU C 153 -0.65 -14.47 -10.44
CA LEU C 153 -1.99 -14.72 -10.97
C LEU C 153 -2.87 -13.50 -10.73
N MET C 154 -2.84 -12.94 -9.52
CA MET C 154 -3.64 -11.76 -9.21
C MET C 154 -3.22 -10.61 -10.13
N GLY C 155 -1.93 -10.55 -10.44
CA GLY C 155 -1.40 -9.49 -11.27
C GLY C 155 -1.93 -9.62 -12.67
N ALA C 156 -2.07 -10.85 -13.13
CA ALA C 156 -2.64 -11.14 -14.43
C ALA C 156 -4.06 -10.59 -14.52
N PHE C 157 -4.81 -10.70 -13.43
CA PHE C 157 -6.18 -10.19 -13.42
C PHE C 157 -6.18 -8.66 -13.49
N VAL C 158 -5.34 -8.01 -12.70
CA VAL C 158 -5.32 -6.57 -12.62
C VAL C 158 -4.89 -5.96 -13.95
N ILE C 159 -3.80 -6.50 -14.49
CA ILE C 159 -3.24 -6.05 -15.75
C ILE C 159 -4.25 -6.23 -16.88
N THR C 160 -4.96 -7.35 -16.88
CA THR C 160 -5.92 -7.61 -17.95
C THR C 160 -7.12 -6.66 -17.85
N ASP C 161 -7.51 -6.27 -16.64
CA ASP C 161 -8.58 -5.29 -16.46
C ASP C 161 -8.15 -3.94 -17.01
N MET C 162 -6.88 -3.61 -16.82
CA MET C 162 -6.33 -2.36 -17.33
C MET C 162 -6.35 -2.36 -18.85
N ILE C 163 -5.81 -3.41 -19.45
CA ILE C 163 -5.75 -3.53 -20.91
C ILE C 163 -7.16 -3.52 -21.52
N ASN C 164 -8.08 -4.26 -20.91
CA ASN C 164 -9.44 -4.30 -21.38
C ASN C 164 -10.04 -2.90 -21.43
N MET C 165 -9.70 -2.08 -20.43
CA MET C 165 -10.16 -0.70 -20.37
C MET C 165 -9.57 0.09 -21.54
N MET C 166 -8.27 -0.09 -21.79
CA MET C 166 -7.60 0.63 -22.87
C MET C 166 -8.17 0.25 -24.23
N ALA C 167 -8.54 -1.02 -24.37
CA ALA C 167 -8.99 -1.56 -25.64
C ALA C 167 -10.33 -0.98 -26.06
N LYS C 168 -11.05 -0.38 -25.11
CA LYS C 168 -12.37 0.17 -25.39
C LYS C 168 -12.27 1.59 -25.95
N SER C 169 -11.07 2.16 -25.88
CA SER C 169 -10.84 3.51 -26.38
C SER C 169 -10.73 3.51 -27.91
N THR C 170 -11.46 4.42 -28.55
CA THR C 170 -11.36 4.61 -30.00
C THR C 170 -10.37 5.72 -30.31
N ASP C 171 -9.62 6.14 -29.30
CA ASP C 171 -8.65 7.22 -29.45
C ASP C 171 -7.75 7.19 -28.22
N LEU C 172 -6.98 6.11 -28.10
CA LEU C 172 -6.20 5.84 -26.90
C LEU C 172 -5.25 6.99 -26.54
N ASP C 173 -4.54 7.53 -27.53
CA ASP C 173 -3.54 8.56 -27.30
C ASP C 173 -4.12 9.78 -26.58
N ASN C 174 -5.40 10.05 -26.81
CA ASN C 174 -6.05 11.19 -26.19
C ASN C 174 -6.86 10.82 -24.96
N ASP C 175 -7.14 9.53 -24.78
CA ASP C 175 -7.94 9.06 -23.66
C ASP C 175 -7.10 8.47 -22.53
N ILE C 176 -5.85 8.12 -22.82
CA ILE C 176 -5.10 7.27 -21.91
C ILE C 176 -4.83 7.91 -20.55
N ASP C 177 -4.45 9.19 -20.55
CA ASP C 177 -4.14 9.89 -19.30
C ASP C 177 -5.34 9.85 -18.36
N GLU C 178 -6.51 10.08 -18.92
CA GLU C 178 -7.75 10.13 -18.14
C GLU C 178 -8.15 8.73 -17.68
N LEU C 179 -7.93 7.74 -18.53
CA LEU C 179 -8.28 6.36 -18.21
C LEU C 179 -7.42 5.84 -17.07
N ILE C 180 -6.13 6.15 -17.13
CA ILE C 180 -5.18 5.76 -16.10
C ILE C 180 -5.58 6.32 -14.74
N GLN C 181 -5.90 7.61 -14.70
CA GLN C 181 -6.27 8.24 -13.44
C GLN C 181 -7.53 7.58 -12.87
N GLU C 182 -8.43 7.19 -13.77
CA GLU C 182 -9.68 6.54 -13.36
C GLU C 182 -9.38 5.17 -12.77
N PHE C 183 -8.41 4.48 -13.37
CA PHE C 183 -8.03 3.14 -12.93
C PHE C 183 -7.35 3.21 -11.57
N GLU C 184 -6.53 4.23 -11.37
CA GLU C 184 -5.81 4.40 -10.12
C GLU C 184 -6.79 4.67 -9.00
N GLU C 185 -7.79 5.51 -9.27
CA GLU C 185 -8.76 5.89 -8.26
C GLU C 185 -9.69 4.73 -7.90
N ARG C 186 -10.00 3.91 -8.88
CA ARG C 186 -10.96 2.83 -8.69
C ARG C 186 -10.32 1.57 -8.10
N ARG C 187 -9.09 1.29 -8.49
CA ARG C 187 -8.40 0.07 -8.09
C ARG C 187 -7.37 0.33 -7.00
N LYS C 188 -7.14 1.62 -6.70
CA LYS C 188 -6.24 2.01 -5.63
C LYS C 188 -4.81 1.55 -5.87
N ARG C 189 -4.38 1.58 -7.13
CA ARG C 189 -3.00 1.26 -7.46
C ARG C 189 -2.38 2.37 -8.29
N VAL C 190 -1.11 2.66 -8.02
CA VAL C 190 -0.37 3.65 -8.79
C VAL C 190 0.14 3.00 -10.08
N ILE C 191 -0.10 3.70 -11.19
CA ILE C 191 0.40 3.26 -12.48
C ILE C 191 1.43 4.25 -13.00
N LEU C 192 2.66 3.79 -13.20
CA LEU C 192 3.67 4.62 -13.82
C LEU C 192 3.38 4.65 -15.33
N HIS C 193 3.52 5.81 -15.96
CA HIS C 193 3.22 5.92 -17.38
C HIS C 193 4.23 6.78 -18.14
N SER C 194 4.68 6.26 -19.28
CA SER C 194 5.55 7.02 -20.17
C SER C 194 5.09 6.80 -21.61
N VAL C 195 5.26 7.84 -22.43
CA VAL C 195 5.01 7.72 -23.87
C VAL C 195 6.34 7.73 -24.60
N LEU C 196 6.64 6.65 -25.30
CA LEU C 196 7.88 6.56 -26.08
C LEU C 196 7.54 6.36 -27.56
N PHE C 197 8.57 6.30 -28.40
CA PHE C 197 8.33 6.23 -29.84
C PHE C 197 9.29 5.28 -30.55
N TYR C 198 8.73 4.38 -31.37
CA TYR C 198 9.52 3.53 -32.23
C TYR C 198 9.98 4.32 -33.44
N SER D 8 -0.58 36.34 -6.08
CA SER D 8 -1.73 35.43 -6.10
C SER D 8 -1.51 34.28 -5.14
N LYS D 9 -2.41 34.15 -4.16
CA LYS D 9 -2.34 33.07 -3.18
C LYS D 9 -3.65 32.29 -3.17
N LEU D 10 -3.56 30.97 -3.25
CA LEU D 10 -4.74 30.12 -3.30
C LEU D 10 -5.29 29.80 -1.92
N ALA D 11 -6.61 29.68 -1.82
CA ALA D 11 -7.27 29.37 -0.58
C ALA D 11 -7.44 27.86 -0.45
N VAL D 12 -6.91 27.30 0.63
CA VAL D 12 -6.90 25.86 0.85
C VAL D 12 -7.68 25.46 2.08
N ALA D 13 -8.37 24.33 2.00
CA ALA D 13 -9.02 23.74 3.16
C ALA D 13 -8.58 22.29 3.29
N VAL D 14 -8.37 21.83 4.51
CA VAL D 14 -8.08 20.42 4.76
C VAL D 14 -9.21 19.87 5.60
N VAL D 15 -9.74 18.73 5.16
CA VAL D 15 -10.96 18.19 5.74
C VAL D 15 -10.79 16.73 6.16
N ASP D 16 -11.18 16.44 7.39
CA ASP D 16 -11.18 15.08 7.90
C ASP D 16 -12.58 14.80 8.44
N SER D 17 -12.68 13.99 9.48
CA SER D 17 -13.99 13.69 10.06
C SER D 17 -14.36 14.62 11.24
N SER D 18 -13.49 14.72 12.23
CA SER D 18 -13.83 15.43 13.47
C SER D 18 -13.09 16.76 13.62
N ASN D 19 -12.28 17.10 12.63
CA ASN D 19 -11.50 18.33 12.64
C ASN D 19 -10.71 18.41 13.94
N MET D 20 -9.98 17.33 14.23
CA MET D 20 -9.27 17.17 15.49
C MET D 20 -7.81 16.77 15.28
N ASN D 21 -7.59 15.70 14.52
CA ASN D 21 -6.25 15.16 14.34
C ASN D 21 -5.64 15.49 12.98
N ARG D 22 -6.11 14.79 11.94
CA ARG D 22 -5.46 14.84 10.63
C ARG D 22 -5.54 16.20 9.95
N SER D 23 -6.73 16.81 9.93
CA SER D 23 -6.91 18.11 9.30
C SER D 23 -6.16 19.20 10.07
N MET D 24 -6.02 19.01 11.38
CA MET D 24 -5.40 20.03 12.22
C MET D 24 -3.88 19.94 12.16
N GLU D 25 -3.34 18.75 11.96
CA GLU D 25 -1.90 18.60 11.81
C GLU D 25 -1.50 19.21 10.48
N ALA D 26 -2.34 19.00 9.46
CA ALA D 26 -2.10 19.57 8.14
C ALA D 26 -2.25 21.08 8.19
N HIS D 27 -3.26 21.54 8.93
CA HIS D 27 -3.53 22.96 9.09
C HIS D 27 -2.31 23.64 9.69
N ASN D 28 -1.76 23.06 10.75
CA ASN D 28 -0.59 23.60 11.42
C ASN D 28 0.59 23.74 10.48
N PHE D 29 0.92 22.66 9.77
CA PHE D 29 2.08 22.64 8.91
C PHE D 29 1.95 23.65 7.77
N LEU D 30 0.80 23.64 7.11
CA LEU D 30 0.54 24.53 5.99
C LEU D 30 0.67 25.99 6.41
N ALA D 31 0.15 26.30 7.59
CA ALA D 31 0.24 27.65 8.13
C ALA D 31 1.70 28.07 8.32
N LYS D 32 2.48 27.20 8.94
CA LYS D 32 3.90 27.48 9.19
C LYS D 32 4.65 27.80 7.90
N LYS D 33 4.21 27.19 6.80
CA LYS D 33 4.90 27.34 5.52
C LYS D 33 4.41 28.55 4.75
N GLY D 34 3.34 29.18 5.26
CA GLY D 34 2.87 30.43 4.71
C GLY D 34 1.74 30.28 3.71
N PHE D 35 0.84 29.33 3.97
CA PHE D 35 -0.30 29.12 3.10
C PHE D 35 -1.59 29.63 3.74
N ASN D 36 -2.55 30.02 2.90
CA ASN D 36 -3.86 30.44 3.38
C ASN D 36 -4.74 29.21 3.58
N VAL D 37 -4.78 28.70 4.81
CA VAL D 37 -5.45 27.42 5.07
C VAL D 37 -6.49 27.48 6.17
N ARG D 38 -7.58 26.73 5.98
CA ARG D 38 -8.58 26.51 7.00
C ARG D 38 -8.80 24.99 7.10
N SER D 39 -9.62 24.56 8.05
CA SER D 39 -9.88 23.13 8.22
C SER D 39 -11.29 22.88 8.76
N TYR D 40 -11.84 21.72 8.42
CA TYR D 40 -13.19 21.34 8.81
C TYR D 40 -13.30 19.84 9.00
N GLY D 41 -14.42 19.39 9.55
CA GLY D 41 -14.72 17.97 9.66
C GLY D 41 -16.07 17.71 9.01
N THR D 42 -16.32 16.46 8.62
CA THR D 42 -17.54 16.15 7.88
C THR D 42 -18.54 15.35 8.70
N GLY D 43 -18.10 14.88 9.86
CA GLY D 43 -18.98 14.10 10.72
C GLY D 43 -20.13 14.92 11.29
N GLU D 44 -21.14 14.26 11.82
CA GLU D 44 -22.24 14.94 12.48
C GLU D 44 -21.81 15.46 13.84
N ARG D 45 -20.80 14.82 14.43
CA ARG D 45 -20.25 15.27 15.70
C ARG D 45 -18.73 15.12 15.73
N VAL D 46 -18.11 15.78 16.70
CA VAL D 46 -16.69 15.59 16.97
C VAL D 46 -16.53 14.39 17.88
N LYS D 47 -15.60 13.51 17.57
CA LYS D 47 -15.45 12.26 18.32
C LYS D 47 -13.99 11.94 18.60
N LEU D 48 -13.68 11.81 19.88
CA LEU D 48 -12.33 11.48 20.33
C LEU D 48 -12.35 10.13 21.02
N PRO D 49 -11.21 9.45 21.06
CA PRO D 49 -11.11 8.16 21.76
C PRO D 49 -11.41 8.32 23.24
N GLY D 50 -12.00 7.30 23.85
CA GLY D 50 -12.26 7.28 25.28
C GLY D 50 -11.46 6.18 25.94
N MET D 51 -11.98 5.66 27.04
CA MET D 51 -11.29 4.62 27.79
C MET D 51 -11.73 3.22 27.34
N ALA D 52 -12.61 3.19 26.35
CA ALA D 52 -13.06 1.96 25.73
C ALA D 52 -13.54 2.28 24.32
N PHE D 53 -13.44 1.31 23.41
CA PHE D 53 -13.80 1.58 22.02
C PHE D 53 -15.26 1.93 21.87
N ASP D 54 -16.12 1.29 22.65
CA ASP D 54 -17.57 1.52 22.54
C ASP D 54 -18.01 2.79 23.24
N LYS D 55 -17.06 3.54 23.80
CA LYS D 55 -17.39 4.75 24.56
C LYS D 55 -16.48 5.92 24.21
N PRO D 56 -16.72 6.54 23.05
CA PRO D 56 -15.94 7.70 22.63
C PRO D 56 -16.43 8.95 23.35
N ASN D 57 -15.59 9.97 23.42
CA ASN D 57 -16.01 11.26 23.92
C ASN D 57 -16.58 12.08 22.76
N VAL D 58 -17.88 12.30 22.79
CA VAL D 58 -18.57 12.97 21.69
C VAL D 58 -18.97 14.39 22.07
N TYR D 59 -18.77 15.31 21.13
CA TYR D 59 -19.15 16.70 21.33
C TYR D 59 -19.74 17.24 20.04
N GLU D 60 -20.62 18.22 20.16
CA GLU D 60 -21.15 18.90 18.99
C GLU D 60 -20.10 19.84 18.43
N PHE D 61 -20.10 20.03 17.12
CA PHE D 61 -19.26 21.06 16.52
C PHE D 61 -19.68 22.38 17.14
N GLY D 62 -18.74 23.31 17.25
CA GLY D 62 -18.99 24.56 17.93
C GLY D 62 -18.44 24.53 19.35
N THR D 63 -18.31 23.33 19.91
CA THR D 63 -17.66 23.17 21.20
C THR D 63 -16.20 23.55 21.06
N LYS D 64 -15.71 24.37 21.99
CA LYS D 64 -14.34 24.88 21.90
C LYS D 64 -13.32 23.82 22.30
N TYR D 65 -12.15 23.88 21.67
CA TYR D 65 -11.07 22.93 21.98
C TYR D 65 -10.67 23.01 23.44
N GLU D 66 -10.70 24.21 24.01
CA GLU D 66 -10.28 24.38 25.41
C GLU D 66 -11.32 23.78 26.34
N ASP D 67 -12.59 23.83 25.94
CA ASP D 67 -13.67 23.24 26.74
C ASP D 67 -13.59 21.71 26.71
N ILE D 68 -13.21 21.16 25.56
CA ILE D 68 -13.00 19.72 25.44
C ILE D 68 -11.78 19.35 26.28
N TYR D 69 -10.73 20.15 26.18
CA TYR D 69 -9.49 19.91 26.92
C TYR D 69 -9.78 19.82 28.41
N ARG D 70 -10.64 20.70 28.89
CA ARG D 70 -10.95 20.74 30.31
C ARG D 70 -11.83 19.56 30.70
N ASP D 71 -12.67 19.10 29.78
CA ASP D 71 -13.56 17.98 30.05
C ASP D 71 -12.75 16.71 30.29
N LEU D 72 -11.78 16.47 29.40
CA LEU D 72 -10.95 15.27 29.51
C LEU D 72 -9.97 15.38 30.66
N GLU D 73 -9.53 16.60 30.95
CA GLU D 73 -8.63 16.84 32.06
C GLU D 73 -9.33 16.48 33.37
N SER D 74 -10.60 16.87 33.47
CA SER D 74 -11.40 16.61 34.66
C SER D 74 -11.70 15.13 34.81
N LYS D 75 -11.96 14.46 33.68
CA LYS D 75 -12.31 13.04 33.70
C LYS D 75 -11.15 12.17 34.19
N ASP D 76 -9.98 12.38 33.61
CA ASP D 76 -8.79 11.63 34.00
C ASP D 76 -7.56 12.20 33.31
N LYS D 77 -7.00 13.25 33.89
CA LYS D 77 -5.88 13.95 33.30
C LYS D 77 -4.74 13.02 32.92
N GLU D 78 -4.45 12.04 33.78
CA GLU D 78 -3.33 11.13 33.53
C GLU D 78 -3.56 10.33 32.24
N PHE D 79 -4.75 9.74 32.12
CA PHE D 79 -5.08 8.91 30.97
C PHE D 79 -5.02 9.69 29.66
N TYR D 80 -5.65 10.86 29.64
CA TYR D 80 -5.73 11.65 28.42
C TYR D 80 -4.47 12.46 28.17
N THR D 81 -3.51 12.37 29.07
CA THR D 81 -2.19 12.94 28.84
C THR D 81 -1.31 11.88 28.16
N GLN D 82 -1.45 10.64 28.62
CA GLN D 82 -0.63 9.55 28.13
C GLN D 82 -0.96 9.21 26.68
N ASN D 83 -2.25 9.15 26.37
CA ASN D 83 -2.68 8.80 25.02
C ASN D 83 -2.59 9.98 24.05
N GLY D 84 -2.09 11.11 24.56
CA GLY D 84 -1.74 12.24 23.70
C GLY D 84 -2.88 13.18 23.33
N LEU D 85 -4.06 12.97 23.89
CA LEU D 85 -5.20 13.80 23.52
C LEU D 85 -5.12 15.23 24.06
N LEU D 86 -4.56 15.40 25.25
CA LEU D 86 -4.47 16.73 25.84
C LEU D 86 -3.51 17.59 25.02
N HIS D 87 -2.41 16.99 24.59
CA HIS D 87 -1.44 17.70 23.77
C HIS D 87 -2.08 18.08 22.43
N MET D 88 -2.87 17.17 21.86
CA MET D 88 -3.52 17.42 20.59
C MET D 88 -4.48 18.60 20.71
N LEU D 89 -5.28 18.59 21.76
CA LEU D 89 -6.27 19.62 22.00
C LEU D 89 -5.58 20.97 22.30
N ASP D 90 -4.41 20.90 22.91
CA ASP D 90 -3.65 22.09 23.24
C ASP D 90 -3.17 22.76 21.96
N ARG D 91 -2.63 21.94 21.05
CA ARG D 91 -2.14 22.42 19.76
C ARG D 91 -3.29 22.97 18.94
N ASN D 92 -4.45 22.34 19.03
CA ASN D 92 -5.63 22.79 18.30
C ASN D 92 -6.10 24.16 18.76
N ARG D 93 -6.04 24.39 20.07
CA ARG D 93 -6.45 25.66 20.65
C ARG D 93 -5.52 26.79 20.21
N ARG D 94 -4.25 26.46 20.03
CA ARG D 94 -3.26 27.43 19.59
C ARG D 94 -3.45 27.80 18.12
N ILE D 95 -4.33 27.08 17.43
CA ILE D 95 -4.59 27.34 16.01
C ILE D 95 -5.91 28.09 15.83
N LYS D 96 -6.94 27.63 16.51
CA LYS D 96 -8.24 28.27 16.43
C LYS D 96 -9.14 27.85 17.59
N LYS D 97 -10.32 28.42 17.66
CA LYS D 97 -11.17 28.30 18.85
C LYS D 97 -11.87 26.94 18.95
N CYS D 98 -12.51 26.50 17.88
CA CYS D 98 -13.31 25.28 17.94
C CYS D 98 -13.36 24.53 16.61
N PRO D 99 -13.67 23.22 16.66
CA PRO D 99 -13.88 22.44 15.44
C PRO D 99 -15.08 22.93 14.65
N GLU D 100 -14.89 23.12 13.34
CA GLU D 100 -15.95 23.56 12.45
C GLU D 100 -16.35 22.42 11.52
N ARG D 101 -17.64 22.38 11.15
CA ARG D 101 -18.15 21.36 10.25
C ARG D 101 -18.23 21.91 8.82
N PHE D 102 -17.69 21.16 7.87
CA PHE D 102 -17.58 21.62 6.49
C PHE D 102 -18.93 21.90 5.82
N GLN D 103 -19.94 21.12 6.15
CA GLN D 103 -21.24 21.26 5.51
C GLN D 103 -21.97 22.52 5.98
N ASP D 104 -21.37 23.24 6.93
CA ASP D 104 -22.00 24.40 7.54
C ASP D 104 -21.29 25.69 7.19
N THR D 105 -20.10 25.60 6.60
CA THR D 105 -19.33 26.78 6.25
C THR D 105 -19.86 27.41 4.96
N LYS D 106 -19.61 28.70 4.80
CA LYS D 106 -19.94 29.39 3.56
C LYS D 106 -18.66 29.84 2.87
N GLU D 107 -17.53 29.53 3.49
CA GLU D 107 -16.23 29.86 2.90
C GLU D 107 -16.03 29.07 1.61
N GLN D 108 -15.29 29.67 0.68
CA GLN D 108 -14.98 29.02 -0.58
C GLN D 108 -13.48 28.87 -0.72
N PHE D 109 -13.06 27.90 -1.52
CA PHE D 109 -11.63 27.60 -1.66
C PHE D 109 -11.26 27.24 -3.09
N ASP D 110 -9.98 27.37 -3.41
CA ASP D 110 -9.44 26.92 -4.67
C ASP D 110 -9.14 25.41 -4.63
N ILE D 111 -8.73 24.92 -3.46
CA ILE D 111 -8.40 23.52 -3.29
C ILE D 111 -8.87 23.00 -1.94
N ILE D 112 -9.63 21.92 -1.94
CA ILE D 112 -10.03 21.25 -0.71
C ILE D 112 -9.38 19.87 -0.68
N VAL D 113 -8.57 19.60 0.35
CA VAL D 113 -7.93 18.31 0.52
C VAL D 113 -8.61 17.51 1.61
N THR D 114 -9.07 16.30 1.27
CA THR D 114 -9.62 15.38 2.25
C THR D 114 -8.61 14.28 2.58
N VAL D 115 -8.76 13.65 3.73
CA VAL D 115 -7.75 12.70 4.22
C VAL D 115 -8.24 11.25 4.25
N GLU D 116 -9.42 11.01 3.69
CA GLU D 116 -9.91 9.65 3.46
C GLU D 116 -11.14 9.69 2.58
N GLU D 117 -11.38 8.60 1.83
CA GLU D 117 -12.40 8.59 0.79
C GLU D 117 -13.81 8.87 1.32
N ARG D 118 -14.09 8.48 2.54
CA ARG D 118 -15.42 8.73 3.11
C ARG D 118 -15.65 10.23 3.29
N VAL D 119 -14.62 10.95 3.71
CA VAL D 119 -14.70 12.40 3.86
C VAL D 119 -14.82 13.04 2.49
N TYR D 120 -13.94 12.62 1.58
CA TYR D 120 -14.01 13.00 0.18
C TYR D 120 -15.45 12.94 -0.36
N ASP D 121 -16.10 11.80 -0.23
CA ASP D 121 -17.45 11.61 -0.74
C ASP D 121 -18.44 12.56 -0.11
N LEU D 122 -18.29 12.83 1.19
CA LEU D 122 -19.19 13.73 1.89
C LEU D 122 -19.02 15.16 1.41
N VAL D 123 -17.80 15.53 1.08
CA VAL D 123 -17.51 16.88 0.60
C VAL D 123 -18.07 17.08 -0.80
N VAL D 124 -17.82 16.12 -1.68
CA VAL D 124 -18.30 16.20 -3.05
C VAL D 124 -19.83 16.23 -3.09
N MET D 125 -20.46 15.38 -2.29
CA MET D 125 -21.92 15.28 -2.28
C MET D 125 -22.56 16.56 -1.74
N HIS D 126 -21.89 17.20 -0.78
CA HIS D 126 -22.40 18.44 -0.21
C HIS D 126 -22.29 19.59 -1.20
N MET D 127 -21.22 19.60 -1.99
CA MET D 127 -20.99 20.68 -2.93
C MET D 127 -21.83 20.50 -4.20
N GLU D 128 -22.24 19.26 -4.46
CA GLU D 128 -23.05 18.97 -5.64
C GLU D 128 -24.53 19.16 -5.33
N SER D 129 -24.87 19.19 -4.04
CA SER D 129 -26.23 19.44 -3.62
C SER D 129 -26.55 20.92 -3.79
N MET D 130 -25.49 21.74 -3.77
CA MET D 130 -25.62 23.17 -4.00
C MET D 130 -25.68 23.44 -5.50
N GLU D 131 -26.60 24.31 -5.91
CA GLU D 131 -26.72 24.70 -7.31
C GLU D 131 -25.60 25.66 -7.66
N SER D 132 -24.80 25.30 -8.65
CA SER D 132 -23.67 26.12 -9.06
C SER D 132 -24.14 27.47 -9.60
N VAL D 133 -23.47 28.55 -9.18
CA VAL D 133 -23.84 29.89 -9.60
C VAL D 133 -22.63 30.70 -10.08
N ASP D 134 -21.49 30.50 -9.44
CA ASP D 134 -20.28 31.25 -9.79
C ASP D 134 -19.48 30.59 -10.91
N ASN D 135 -19.63 29.27 -11.05
CA ASN D 135 -18.84 28.51 -12.00
C ASN D 135 -17.34 28.69 -11.75
N ARG D 136 -17.00 28.95 -10.49
CA ARG D 136 -15.61 29.02 -10.06
C ARG D 136 -15.11 27.61 -9.77
N PRO D 137 -14.11 27.15 -10.53
CA PRO D 137 -13.57 25.81 -10.33
C PRO D 137 -12.93 25.64 -8.96
N VAL D 138 -13.18 24.50 -8.32
CA VAL D 138 -12.59 24.18 -7.03
C VAL D 138 -12.22 22.71 -7.01
N HIS D 139 -10.94 22.41 -6.90
CA HIS D 139 -10.45 21.04 -6.97
C HIS D 139 -10.48 20.34 -5.61
N VAL D 140 -11.19 19.22 -5.54
CA VAL D 140 -11.18 18.38 -4.34
C VAL D 140 -10.21 17.23 -4.54
N LEU D 141 -9.26 17.10 -3.62
CA LEU D 141 -8.23 16.08 -3.72
C LEU D 141 -8.17 15.26 -2.44
N ASN D 142 -8.32 13.94 -2.56
CA ASN D 142 -8.17 13.07 -1.42
C ASN D 142 -6.76 12.50 -1.34
N VAL D 143 -6.13 12.66 -0.18
CA VAL D 143 -4.85 12.03 0.13
C VAL D 143 -5.02 11.21 1.40
N ASP D 144 -4.96 9.89 1.29
CA ASP D 144 -5.18 9.02 2.44
C ASP D 144 -4.19 9.30 3.57
N VAL D 145 -4.73 9.54 4.76
CA VAL D 145 -3.91 9.72 5.96
C VAL D 145 -4.40 8.81 7.08
N VAL D 146 -3.54 7.92 7.54
CA VAL D 146 -3.87 7.02 8.65
C VAL D 146 -4.15 7.84 9.90
N ASN D 147 -5.21 7.49 10.62
CA ASN D 147 -5.71 8.32 11.71
C ASN D 147 -5.03 8.04 13.06
N ASN D 148 -3.77 8.45 13.18
CA ASN D 148 -3.10 8.51 14.47
C ASN D 148 -2.14 9.70 14.45
N ALA D 149 -1.59 10.07 15.60
CA ALA D 149 -0.79 11.30 15.70
C ALA D 149 0.45 11.28 14.82
N GLU D 150 1.14 10.13 14.74
CA GLU D 150 2.37 10.04 13.97
C GLU D 150 2.11 10.16 12.47
N ASP D 151 1.12 9.42 11.98
CA ASP D 151 0.81 9.44 10.55
C ASP D 151 0.09 10.72 10.15
N ALA D 152 -0.57 11.38 11.11
CA ALA D 152 -1.19 12.66 10.83
C ALA D 152 -0.09 13.68 10.54
N LEU D 153 1.06 13.51 11.18
CA LEU D 153 2.22 14.36 10.90
C LEU D 153 2.81 14.05 9.53
N MET D 154 3.00 12.76 9.23
CA MET D 154 3.48 12.35 7.93
C MET D 154 2.51 12.87 6.87
N GLY D 155 1.23 12.82 7.19
CA GLY D 155 0.19 13.24 6.27
C GLY D 155 0.30 14.73 6.00
N ALA D 156 0.61 15.50 7.03
CA ALA D 156 0.78 16.94 6.89
C ALA D 156 1.94 17.22 5.95
N PHE D 157 3.05 16.53 6.14
CA PHE D 157 4.21 16.67 5.28
C PHE D 157 3.87 16.39 3.81
N VAL D 158 3.09 15.34 3.57
CA VAL D 158 2.77 14.94 2.20
C VAL D 158 1.80 15.91 1.55
N ILE D 159 0.78 16.30 2.31
CA ILE D 159 -0.24 17.21 1.82
C ILE D 159 0.34 18.57 1.49
N THR D 160 1.41 18.96 2.19
CA THR D 160 2.03 20.25 1.99
C THR D 160 2.91 20.23 0.76
N ASP D 161 3.62 19.12 0.54
CA ASP D 161 4.40 18.97 -0.69
C ASP D 161 3.46 19.03 -1.90
N MET D 162 2.25 18.51 -1.72
CA MET D 162 1.28 18.50 -2.80
C MET D 162 0.75 19.90 -3.06
N ILE D 163 0.35 20.59 -2.00
CA ILE D 163 -0.20 21.93 -2.13
C ILE D 163 0.85 22.87 -2.68
N ASN D 164 2.11 22.63 -2.30
CA ASN D 164 3.22 23.48 -2.69
C ASN D 164 3.50 23.32 -4.18
N MET D 165 3.35 22.10 -4.66
CA MET D 165 3.57 21.79 -6.07
C MET D 165 2.53 22.51 -6.93
N MET D 166 1.29 22.50 -6.47
CA MET D 166 0.19 23.05 -7.25
C MET D 166 0.15 24.57 -7.18
N ALA D 167 0.71 25.13 -6.10
CA ALA D 167 0.75 26.57 -5.91
C ALA D 167 1.73 27.22 -6.89
N LYS D 168 2.64 26.43 -7.44
CA LYS D 168 3.62 26.94 -8.39
C LYS D 168 3.02 27.08 -9.79
N SER D 169 1.79 26.61 -9.95
CA SER D 169 1.12 26.65 -11.25
C SER D 169 0.54 28.02 -11.55
N THR D 170 0.82 28.52 -12.77
CA THR D 170 0.26 29.79 -13.22
C THR D 170 -1.09 29.57 -13.90
N ASP D 171 -1.48 28.30 -14.04
CA ASP D 171 -2.70 27.91 -14.71
C ASP D 171 -3.17 26.56 -14.16
N LEU D 172 -3.63 26.58 -12.91
CA LEU D 172 -3.92 25.35 -12.18
C LEU D 172 -4.97 24.48 -12.86
N ASP D 173 -6.02 25.11 -13.38
CA ASP D 173 -7.11 24.35 -13.99
C ASP D 173 -6.64 23.42 -15.09
N ASN D 174 -5.62 23.83 -15.84
CA ASN D 174 -5.14 23.04 -16.98
C ASN D 174 -3.85 22.27 -16.71
N ASP D 175 -3.26 22.49 -15.54
CA ASP D 175 -2.03 21.80 -15.15
C ASP D 175 -2.28 20.69 -14.12
N ILE D 176 -3.41 20.78 -13.43
CA ILE D 176 -3.64 19.97 -12.23
C ILE D 176 -3.62 18.48 -12.52
N ASP D 177 -4.24 18.05 -13.61
CA ASP D 177 -4.31 16.62 -13.92
C ASP D 177 -2.91 16.02 -14.05
N GLU D 178 -2.05 16.66 -14.83
CA GLU D 178 -0.70 16.17 -15.06
C GLU D 178 0.16 16.26 -13.80
N LEU D 179 -0.14 17.24 -12.96
CA LEU D 179 0.61 17.42 -11.72
C LEU D 179 0.26 16.30 -10.75
N ILE D 180 -1.02 15.94 -10.71
CA ILE D 180 -1.51 14.89 -9.84
C ILE D 180 -0.85 13.56 -10.20
N GLN D 181 -0.82 13.25 -11.48
CA GLN D 181 -0.22 12.00 -11.93
C GLN D 181 1.26 11.97 -11.60
N GLU D 182 1.93 13.11 -11.77
CA GLU D 182 3.36 13.17 -11.48
C GLU D 182 3.62 12.93 -9.99
N PHE D 183 2.73 13.44 -9.15
CA PHE D 183 2.88 13.32 -7.71
C PHE D 183 2.62 11.88 -7.30
N GLU D 184 1.61 11.27 -7.93
CA GLU D 184 1.27 9.88 -7.66
C GLU D 184 2.44 8.97 -7.98
N GLU D 185 3.06 9.16 -9.14
CA GLU D 185 4.18 8.34 -9.56
C GLU D 185 5.42 8.54 -8.68
N ARG D 186 5.64 9.76 -8.21
CA ARG D 186 6.85 10.05 -7.45
C ARG D 186 6.72 9.62 -5.98
N ARG D 187 5.57 9.87 -5.39
CA ARG D 187 5.36 9.66 -3.96
C ARG D 187 4.66 8.34 -3.67
N LYS D 188 4.25 7.65 -4.74
CA LYS D 188 3.61 6.34 -4.63
C LYS D 188 2.33 6.39 -3.81
N ARG D 189 1.45 7.34 -4.12
CA ARG D 189 0.18 7.44 -3.45
C ARG D 189 -0.90 7.85 -4.44
N VAL D 190 -2.07 7.22 -4.33
CA VAL D 190 -3.18 7.56 -5.19
C VAL D 190 -3.91 8.79 -4.65
N ILE D 191 -4.27 9.69 -5.57
CA ILE D 191 -5.03 10.89 -5.22
C ILE D 191 -6.34 10.88 -5.98
N LEU D 192 -7.45 11.00 -5.24
CA LEU D 192 -8.76 11.11 -5.87
C LEU D 192 -9.03 12.57 -6.20
N HIS D 193 -9.61 12.83 -7.36
CA HIS D 193 -9.76 14.20 -7.83
C HIS D 193 -11.09 14.48 -8.51
N SER D 194 -11.77 15.52 -8.06
CA SER D 194 -13.02 15.97 -8.65
C SER D 194 -12.98 17.47 -8.86
N VAL D 195 -13.48 17.94 -10.00
CA VAL D 195 -13.62 19.36 -10.26
C VAL D 195 -15.05 19.79 -9.98
N LEU D 196 -15.23 20.63 -8.97
CA LEU D 196 -16.55 21.12 -8.61
C LEU D 196 -16.64 22.62 -8.84
N PHE D 197 -17.84 23.17 -8.68
CA PHE D 197 -18.07 24.60 -8.92
C PHE D 197 -19.01 25.18 -7.88
N TYR D 198 -18.61 26.29 -7.29
CA TYR D 198 -19.46 26.99 -6.34
C TYR D 198 -20.59 27.70 -7.09
N THR E 2 -21.86 2.19 -0.22
CA THR E 2 -22.67 1.17 -0.86
C THR E 2 -21.81 -0.02 -1.29
N PRO E 4 -21.69 -2.64 -4.63
CA PRO E 4 -20.33 -2.07 -4.64
C PRO E 4 -20.36 -0.56 -4.48
N SER E 5 -19.20 0.09 -4.63
CA SER E 5 -19.14 1.54 -4.57
C SER E 5 -19.83 2.15 -5.80
N TYR E 6 -20.36 3.35 -5.62
CA TYR E 6 -20.95 4.08 -6.74
C TYR E 6 -19.88 4.46 -7.76
N THR F 2 19.88 4.63 -8.16
CA THR F 2 20.65 5.70 -7.55
C THR F 2 19.92 6.27 -6.35
N PRO F 4 19.36 10.01 -4.43
CA PRO F 4 17.96 9.59 -4.57
C PRO F 4 17.71 9.06 -5.97
N SER F 5 16.47 8.74 -6.28
CA SER F 5 16.12 8.29 -7.63
C SER F 5 16.30 9.44 -8.61
N TYR F 6 16.54 9.09 -9.88
CA TYR F 6 16.67 10.10 -10.92
C TYR F 6 15.35 10.84 -11.11
N THR G 2 15.51 -13.40 -8.13
CA THR G 2 14.88 -14.52 -8.82
C THR G 2 13.38 -14.36 -9.05
N PRO G 4 10.19 -17.28 -8.99
CA PRO G 4 9.63 -16.31 -8.05
C PRO G 4 10.65 -15.96 -6.98
N SER G 5 10.28 -15.12 -6.01
CA SER G 5 11.19 -14.78 -4.90
C SER G 5 11.54 -16.04 -4.14
N TYR G 6 12.78 -16.11 -3.68
CA TYR G 6 13.21 -17.20 -2.81
C TYR G 6 12.32 -17.27 -1.58
N THR H 2 -13.28 7.61 15.57
CA THR H 2 -12.79 8.72 16.36
C THR H 2 -11.50 9.28 15.77
N PRO H 4 -7.79 10.87 17.41
CA PRO H 4 -7.23 9.79 16.58
C PRO H 4 -7.99 8.48 16.80
N SER H 5 -7.58 7.41 16.13
CA SER H 5 -8.22 6.11 16.31
C SER H 5 -8.01 5.63 17.73
N TYR H 6 -8.98 4.88 18.23
CA TYR H 6 -8.84 4.28 19.55
C TYR H 6 -7.67 3.31 19.57
#